data_8VU7
#
_entry.id   8VU7
#
_entity_poly.entity_id   1
_entity_poly.type   'polypeptide(L)'
_entity_poly.pdbx_seq_one_letter_code
;AMDIKCGSQAGGKLCPNNLCCSQWGFCGLGSEFCGGGCQSGACST
;
_entity_poly.pdbx_strand_id   A
#
# COMPACT_ATOMS: atom_id res chain seq x y z
N ALA A 1 -8.34 2.50 14.36
CA ALA A 1 -7.57 3.36 13.44
C ALA A 1 -7.95 3.03 11.99
N MET A 2 -7.44 3.79 11.01
CA MET A 2 -7.65 3.47 9.60
C MET A 2 -6.93 2.18 9.21
N ASP A 3 -7.67 1.19 8.70
CA ASP A 3 -7.17 -0.16 8.41
C ASP A 3 -7.77 -0.77 7.12
N ILE A 4 -7.84 0.04 6.06
CA ILE A 4 -8.17 -0.41 4.70
C ILE A 4 -6.95 -1.08 4.06
N LYS A 5 -7.15 -2.26 3.46
CA LYS A 5 -6.10 -3.06 2.77
C LYS A 5 -6.26 -3.17 1.25
N CYS A 6 -5.19 -3.62 0.61
CA CYS A 6 -4.93 -3.69 -0.83
C CYS A 6 -3.78 -4.70 -1.12
N GLY A 7 -3.35 -4.80 -2.38
CA GLY A 7 -2.21 -5.61 -2.80
C GLY A 7 -2.43 -7.12 -2.70
N SER A 8 -1.36 -7.86 -2.40
CA SER A 8 -1.32 -9.34 -2.29
C SER A 8 -2.35 -9.89 -1.29
N GLN A 9 -2.57 -9.16 -0.20
CA GLN A 9 -3.55 -9.47 0.84
C GLN A 9 -5.00 -9.35 0.34
N ALA A 10 -5.28 -8.39 -0.55
CA ALA A 10 -6.60 -8.15 -1.13
C ALA A 10 -6.81 -8.90 -2.45
N GLY A 11 -5.84 -9.72 -2.87
CA GLY A 11 -5.89 -10.41 -4.17
C GLY A 11 -5.74 -9.48 -5.38
N GLY A 12 -4.96 -8.39 -5.25
CA GLY A 12 -4.56 -7.52 -6.35
C GLY A 12 -5.37 -6.23 -6.52
N LYS A 13 -6.12 -5.78 -5.50
CA LYS A 13 -6.82 -4.48 -5.49
C LYS A 13 -5.88 -3.36 -5.07
N LEU A 14 -6.10 -2.15 -5.57
CA LEU A 14 -5.36 -0.92 -5.21
C LEU A 14 -5.95 -0.22 -3.97
N CYS A 15 -5.26 0.82 -3.47
CA CYS A 15 -5.83 1.78 -2.51
C CYS A 15 -6.86 2.69 -3.22
N PRO A 16 -7.89 3.22 -2.52
CA PRO A 16 -8.88 4.11 -3.14
C PRO A 16 -8.31 5.50 -3.47
N ASN A 17 -7.45 6.00 -2.58
CA ASN A 17 -6.56 7.15 -2.73
C ASN A 17 -5.14 6.67 -3.08
N ASN A 18 -4.26 7.53 -3.60
CA ASN A 18 -2.95 7.22 -4.20
C ASN A 18 -1.88 6.60 -3.28
N LEU A 19 -2.26 6.24 -2.05
CA LEU A 19 -1.43 5.65 -1.01
C LEU A 19 -0.68 4.39 -1.43
N CYS A 20 0.50 4.28 -0.82
CA CYS A 20 1.41 3.15 -0.93
C CYS A 20 0.82 1.97 -0.16
N CYS A 21 0.59 0.86 -0.85
CA CYS A 21 0.23 -0.43 -0.25
C CYS A 21 1.48 -1.07 0.38
N SER A 22 1.57 -1.08 1.70
CA SER A 22 2.68 -1.67 2.47
C SER A 22 2.83 -3.18 2.24
N GLN A 23 3.91 -3.73 2.78
CA GLN A 23 4.22 -5.17 2.85
C GLN A 23 3.02 -5.99 3.35
N TRP A 24 2.41 -5.48 4.42
CA TRP A 24 1.26 -6.01 5.15
C TRP A 24 -0.10 -5.76 4.47
N GLY A 25 -0.10 -5.09 3.33
CA GLY A 25 -1.27 -4.79 2.51
C GLY A 25 -2.03 -3.50 2.86
N PHE A 26 -1.65 -2.75 3.90
CA PHE A 26 -2.37 -1.51 4.29
C PHE A 26 -1.83 -0.25 3.58
N CYS A 27 -2.74 0.71 3.33
CA CYS A 27 -2.46 2.00 2.70
C CYS A 27 -1.84 3.04 3.65
N GLY A 28 -0.85 3.77 3.17
CA GLY A 28 -0.27 4.96 3.82
C GLY A 28 0.87 5.59 3.00
N LEU A 29 1.68 6.46 3.60
CA LEU A 29 2.82 7.16 2.97
C LEU A 29 4.04 7.29 3.88
N GLY A 30 5.18 7.55 3.25
CA GLY A 30 6.48 7.62 3.90
C GLY A 30 7.15 6.24 3.91
N SER A 31 8.34 6.19 4.51
CA SER A 31 9.19 5.00 4.55
C SER A 31 8.51 3.76 5.16
N GLU A 32 7.40 3.93 5.90
CA GLU A 32 6.71 2.82 6.57
C GLU A 32 5.70 2.09 5.65
N PHE A 33 5.36 2.69 4.51
CA PHE A 33 4.42 2.16 3.53
C PHE A 33 5.05 2.05 2.13
N CYS A 34 5.70 3.12 1.66
CA CYS A 34 6.42 3.11 0.39
C CYS A 34 7.85 2.57 0.49
N GLY A 35 8.45 2.52 1.69
CA GLY A 35 9.87 2.19 1.85
C GLY A 35 10.15 0.68 1.85
N GLY A 36 10.21 0.09 0.66
CA GLY A 36 10.46 -1.34 0.45
C GLY A 36 9.17 -2.17 0.52
N GLY A 37 9.06 -3.17 -0.36
CA GLY A 37 7.89 -4.04 -0.46
C GLY A 37 6.58 -3.36 -0.87
N CYS A 38 6.61 -2.11 -1.34
CA CYS A 38 5.45 -1.33 -1.75
C CYS A 38 4.72 -1.94 -2.96
N GLN A 39 3.56 -2.55 -2.71
CA GLN A 39 2.78 -3.32 -3.68
C GLN A 39 2.14 -2.51 -4.81
N SER A 40 1.54 -1.37 -4.47
CA SER A 40 0.77 -0.49 -5.35
C SER A 40 0.78 0.95 -4.85
N GLY A 41 0.47 1.92 -5.72
CA GLY A 41 0.34 3.33 -5.36
C GLY A 41 1.61 4.14 -5.64
N ALA A 42 1.97 5.02 -4.70
CA ALA A 42 3.02 6.03 -4.93
C ALA A 42 4.49 5.49 -4.83
N CYS A 43 4.66 4.18 -5.03
CA CYS A 43 5.92 3.45 -4.94
C CYS A 43 6.97 3.90 -5.98
N SER A 44 8.24 3.82 -5.60
CA SER A 44 9.41 4.03 -6.48
C SER A 44 9.67 2.83 -7.41
N THR A 45 9.39 1.61 -6.94
CA THR A 45 9.69 0.34 -7.65
C THR A 45 8.53 -0.66 -7.64
N ALA A 1 -6.02 7.49 12.07
CA ALA A 1 -5.28 6.72 11.04
C ALA A 1 -6.26 5.92 10.18
N MET A 2 -5.79 5.05 9.27
CA MET A 2 -6.64 4.13 8.52
C MET A 2 -6.10 2.69 8.50
N ASP A 3 -7.01 1.72 8.44
CA ASP A 3 -6.77 0.29 8.25
C ASP A 3 -7.53 -0.20 7.00
N ILE A 4 -7.01 0.12 5.82
CA ILE A 4 -7.48 -0.42 4.54
C ILE A 4 -6.33 -1.20 3.91
N LYS A 5 -6.52 -2.48 3.59
CA LYS A 5 -5.51 -3.32 2.92
C LYS A 5 -5.82 -3.58 1.44
N CYS A 6 -4.75 -3.79 0.68
CA CYS A 6 -4.70 -3.83 -0.78
C CYS A 6 -3.54 -4.72 -1.26
N GLY A 7 -3.36 -4.84 -2.58
CA GLY A 7 -2.31 -5.67 -3.19
C GLY A 7 -2.47 -7.16 -2.87
N SER A 8 -1.36 -7.86 -2.59
CA SER A 8 -1.31 -9.32 -2.35
C SER A 8 -2.25 -9.81 -1.25
N GLN A 9 -2.52 -8.95 -0.25
CA GLN A 9 -3.36 -9.20 0.92
C GLN A 9 -4.88 -9.10 0.61
N ALA A 10 -5.25 -8.59 -0.57
CA ALA A 10 -6.63 -8.35 -0.99
C ALA A 10 -7.01 -8.92 -2.38
N GLY A 11 -6.09 -9.56 -3.10
CA GLY A 11 -6.31 -10.03 -4.47
C GLY A 11 -5.96 -9.00 -5.57
N GLY A 12 -4.88 -8.24 -5.37
CA GLY A 12 -4.34 -7.27 -6.33
C GLY A 12 -5.17 -6.00 -6.50
N LYS A 13 -6.05 -5.71 -5.54
CA LYS A 13 -6.92 -4.53 -5.54
C LYS A 13 -6.17 -3.29 -5.05
N LEU A 14 -6.43 -2.14 -5.66
CA LEU A 14 -5.78 -0.85 -5.36
C LEU A 14 -6.42 -0.09 -4.18
N CYS A 15 -5.65 0.80 -3.54
CA CYS A 15 -6.18 1.77 -2.58
C CYS A 15 -7.19 2.74 -3.26
N PRO A 16 -8.14 3.35 -2.53
CA PRO A 16 -9.05 4.37 -3.09
C PRO A 16 -8.40 5.73 -3.43
N ASN A 17 -7.11 5.86 -3.09
CA ASN A 17 -6.26 7.05 -3.11
C ASN A 17 -4.79 6.66 -3.38
N ASN A 18 -3.90 7.64 -3.64
CA ASN A 18 -2.47 7.54 -3.97
C ASN A 18 -1.60 6.63 -3.09
N LEU A 19 -2.11 6.25 -1.94
CA LEU A 19 -1.44 5.53 -0.86
C LEU A 19 -0.75 4.24 -1.30
N CYS A 20 0.43 4.10 -0.71
CA CYS A 20 1.33 2.98 -0.88
C CYS A 20 0.79 1.78 -0.08
N CYS A 21 0.54 0.68 -0.77
CA CYS A 21 0.20 -0.62 -0.19
C CYS A 21 1.46 -1.27 0.40
N SER A 22 1.60 -1.24 1.72
CA SER A 22 2.76 -1.75 2.46
C SER A 22 2.95 -3.27 2.35
N GLN A 23 4.03 -3.77 2.94
CA GLN A 23 4.34 -5.18 3.16
C GLN A 23 3.22 -5.95 3.87
N TRP A 24 2.55 -5.25 4.78
CA TRP A 24 1.40 -5.72 5.56
C TRP A 24 0.05 -5.54 4.84
N GLY A 25 0.10 -5.12 3.58
CA GLY A 25 -1.05 -4.83 2.71
C GLY A 25 -1.67 -3.45 2.90
N PHE A 26 -1.47 -2.78 4.04
CA PHE A 26 -2.16 -1.53 4.38
C PHE A 26 -1.75 -0.30 3.56
N CYS A 27 -2.72 0.56 3.24
CA CYS A 27 -2.52 1.88 2.61
C CYS A 27 -1.93 2.91 3.61
N GLY A 28 -0.96 3.69 3.13
CA GLY A 28 -0.41 4.87 3.79
C GLY A 28 0.73 5.52 2.99
N LEU A 29 1.44 6.49 3.57
CA LEU A 29 2.57 7.20 2.93
C LEU A 29 3.78 7.41 3.84
N GLY A 30 4.93 7.60 3.22
CA GLY A 30 6.25 7.60 3.87
C GLY A 30 6.85 6.19 3.93
N SER A 31 8.08 6.06 4.45
CA SER A 31 8.83 4.79 4.44
C SER A 31 8.24 3.67 5.32
N GLU A 32 7.12 3.92 6.02
CA GLU A 32 6.36 2.85 6.71
C GLU A 32 5.43 2.08 5.78
N PHE A 33 5.14 2.67 4.61
CA PHE A 33 4.22 2.13 3.62
C PHE A 33 4.90 1.94 2.26
N CYS A 34 5.58 2.98 1.77
CA CYS A 34 6.32 2.92 0.51
C CYS A 34 7.77 2.40 0.66
N GLY A 35 8.27 2.14 1.88
CA GLY A 35 9.69 1.84 2.13
C GLY A 35 10.15 0.44 1.73
N GLY A 36 10.28 0.19 0.42
CA GLY A 36 10.92 -0.99 -0.18
C GLY A 36 9.98 -2.05 -0.73
N GLY A 37 8.89 -2.34 0.00
CA GLY A 37 7.96 -3.45 -0.26
C GLY A 37 6.64 -3.05 -0.93
N CYS A 38 6.59 -1.85 -1.52
CA CYS A 38 5.38 -1.19 -2.03
C CYS A 38 4.71 -2.00 -3.15
N GLN A 39 3.45 -2.37 -2.96
CA GLN A 39 2.70 -3.15 -3.94
C GLN A 39 2.03 -2.30 -5.04
N SER A 40 1.22 -1.34 -4.61
CA SER A 40 0.51 -0.33 -5.41
C SER A 40 0.51 1.02 -4.71
N GLY A 41 0.17 2.11 -5.42
CA GLY A 41 0.28 3.48 -4.94
C GLY A 41 1.52 4.20 -5.47
N ALA A 42 2.08 5.13 -4.68
CA ALA A 42 3.20 6.00 -5.08
C ALA A 42 4.59 5.31 -5.08
N CYS A 43 4.63 4.03 -5.45
CA CYS A 43 5.82 3.19 -5.41
C CYS A 43 6.94 3.75 -6.30
N SER A 44 8.16 3.79 -5.76
CA SER A 44 9.38 4.33 -6.37
C SER A 44 10.67 3.58 -5.97
N THR A 45 10.64 2.71 -4.95
CA THR A 45 11.77 1.87 -4.51
C THR A 45 11.97 0.64 -5.39
N ALA A 1 -10.63 7.39 9.80
CA ALA A 1 -10.05 6.66 8.66
C ALA A 1 -10.09 5.14 8.91
N MET A 2 -10.50 4.37 7.90
CA MET A 2 -10.67 2.91 7.98
C MET A 2 -9.36 2.14 7.85
N ASP A 3 -9.34 0.92 8.40
CA ASP A 3 -8.24 -0.06 8.34
C ASP A 3 -8.27 -0.83 7.01
N ILE A 4 -8.12 -0.11 5.89
CA ILE A 4 -8.18 -0.63 4.52
C ILE A 4 -6.86 -1.31 4.14
N LYS A 5 -6.96 -2.52 3.56
CA LYS A 5 -5.83 -3.24 2.95
C LYS A 5 -6.06 -3.52 1.45
N CYS A 6 -4.98 -3.80 0.75
CA CYS A 6 -4.83 -3.86 -0.70
C CYS A 6 -3.58 -4.70 -1.06
N GLY A 7 -3.23 -4.77 -2.35
CA GLY A 7 -2.10 -5.57 -2.83
C GLY A 7 -2.30 -7.08 -2.63
N SER A 8 -1.22 -7.81 -2.36
CA SER A 8 -1.18 -9.27 -2.21
C SER A 8 -2.22 -9.80 -1.20
N GLN A 9 -2.41 -9.07 -0.10
CA GLN A 9 -3.32 -9.37 1.00
C GLN A 9 -4.82 -9.33 0.63
N ALA A 10 -5.17 -8.76 -0.52
CA ALA A 10 -6.55 -8.51 -0.95
C ALA A 10 -6.86 -8.95 -2.39
N GLY A 11 -5.99 -9.72 -3.06
CA GLY A 11 -6.19 -10.14 -4.46
C GLY A 11 -5.76 -9.10 -5.50
N GLY A 12 -4.81 -8.23 -5.16
CA GLY A 12 -4.15 -7.30 -6.07
C GLY A 12 -4.84 -5.95 -6.23
N LYS A 13 -5.93 -5.71 -5.50
CA LYS A 13 -6.68 -4.43 -5.49
C LYS A 13 -5.79 -3.28 -5.01
N LEU A 14 -6.16 -2.05 -5.37
CA LEU A 14 -5.40 -0.82 -5.09
C LEU A 14 -6.06 0.02 -3.97
N CYS A 15 -5.32 0.94 -3.35
CA CYS A 15 -5.90 1.95 -2.45
C CYS A 15 -6.87 2.89 -3.21
N PRO A 16 -7.90 3.45 -2.55
CA PRO A 16 -8.82 4.40 -3.20
C PRO A 16 -8.08 5.69 -3.59
N ASN A 17 -7.39 6.32 -2.64
CA ASN A 17 -6.41 7.39 -2.84
C ASN A 17 -5.04 6.79 -3.22
N ASN A 18 -4.07 7.61 -3.66
CA ASN A 18 -2.73 7.26 -4.18
C ASN A 18 -1.80 6.46 -3.23
N LEU A 19 -2.29 6.14 -2.03
CA LEU A 19 -1.57 5.54 -0.93
C LEU A 19 -0.84 4.26 -1.31
N CYS A 20 0.32 4.13 -0.68
CA CYS A 20 1.22 3.02 -0.83
C CYS A 20 0.63 1.82 -0.08
N CYS A 21 0.37 0.73 -0.79
CA CYS A 21 0.02 -0.57 -0.19
C CYS A 21 1.29 -1.20 0.41
N SER A 22 1.37 -1.24 1.75
CA SER A 22 2.56 -1.70 2.48
C SER A 22 2.88 -3.18 2.28
N GLN A 23 3.99 -3.63 2.88
CA GLN A 23 4.37 -5.04 3.02
C GLN A 23 3.25 -5.90 3.62
N TRP A 24 2.50 -5.32 4.57
CA TRP A 24 1.33 -5.91 5.23
C TRP A 24 0.00 -5.63 4.53
N GLY A 25 0.04 -4.93 3.41
CA GLY A 25 -1.08 -4.62 2.53
C GLY A 25 -1.84 -3.33 2.86
N PHE A 26 -1.51 -2.59 3.92
CA PHE A 26 -2.29 -1.41 4.35
C PHE A 26 -1.91 -0.13 3.60
N CYS A 27 -2.88 0.75 3.36
CA CYS A 27 -2.68 2.06 2.73
C CYS A 27 -2.03 3.07 3.71
N GLY A 28 -1.04 3.79 3.20
CA GLY A 28 -0.44 4.96 3.87
C GLY A 28 0.70 5.57 3.06
N LEU A 29 1.48 6.50 3.67
CA LEU A 29 2.57 7.21 3.00
C LEU A 29 3.82 7.37 3.86
N GLY A 30 4.97 7.41 3.18
CA GLY A 30 6.29 7.45 3.78
C GLY A 30 6.99 6.09 3.80
N SER A 31 8.17 6.06 4.44
CA SER A 31 9.06 4.90 4.44
C SER A 31 8.48 3.63 5.10
N GLU A 32 7.32 3.69 5.77
CA GLU A 32 6.64 2.50 6.35
C GLU A 32 5.63 1.86 5.40
N PHE A 33 5.18 2.59 4.38
CA PHE A 33 4.20 2.10 3.41
C PHE A 33 4.81 1.98 2.01
N CYS A 34 5.57 2.98 1.56
CA CYS A 34 6.26 2.98 0.27
C CYS A 34 7.73 2.49 0.34
N GLY A 35 8.40 2.57 1.50
CA GLY A 35 9.87 2.38 1.60
C GLY A 35 10.41 0.95 1.65
N GLY A 36 9.69 -0.02 1.09
CA GLY A 36 10.02 -1.45 1.12
C GLY A 36 9.28 -2.21 0.03
N GLY A 37 8.58 -3.29 0.40
CA GLY A 37 7.73 -4.11 -0.47
C GLY A 37 6.42 -3.43 -0.92
N CYS A 38 6.49 -2.16 -1.31
CA CYS A 38 5.38 -1.35 -1.81
C CYS A 38 4.67 -2.01 -3.01
N GLN A 39 3.45 -2.48 -2.78
CA GLN A 39 2.68 -3.29 -3.72
C GLN A 39 2.00 -2.48 -4.84
N SER A 40 1.45 -1.33 -4.47
CA SER A 40 0.70 -0.39 -5.32
C SER A 40 0.81 1.02 -4.75
N GLY A 41 0.55 2.05 -5.57
CA GLY A 41 0.55 3.46 -5.14
C GLY A 41 1.84 4.22 -5.51
N ALA A 42 2.31 5.09 -4.61
CA ALA A 42 3.38 6.06 -4.90
C ALA A 42 4.81 5.47 -4.91
N CYS A 43 4.95 4.17 -5.20
CA CYS A 43 6.19 3.39 -5.10
C CYS A 43 7.35 3.94 -5.97
N SER A 44 8.61 3.70 -5.59
CA SER A 44 9.79 4.02 -6.41
C SER A 44 10.02 3.01 -7.55
N THR A 45 9.60 1.75 -7.37
CA THR A 45 9.52 0.72 -8.42
C THR A 45 8.31 -0.17 -8.25
N ALA A 1 -8.75 5.28 13.38
CA ALA A 1 -8.14 4.16 12.64
C ALA A 1 -8.78 4.01 11.25
N MET A 2 -7.96 3.65 10.26
CA MET A 2 -8.33 3.56 8.83
C MET A 2 -7.58 2.41 8.13
N ASP A 3 -7.63 1.21 8.71
CA ASP A 3 -6.90 0.01 8.27
C ASP A 3 -7.56 -0.66 7.03
N ILE A 4 -7.52 0.04 5.90
CA ILE A 4 -7.88 -0.45 4.55
C ILE A 4 -6.65 -1.09 3.87
N LYS A 5 -6.85 -2.21 3.14
CA LYS A 5 -5.78 -3.02 2.53
C LYS A 5 -5.85 -3.20 1.01
N CYS A 6 -4.71 -3.59 0.43
CA CYS A 6 -4.37 -3.62 -1.00
C CYS A 6 -3.34 -4.73 -1.32
N GLY A 7 -3.20 -5.05 -2.60
CA GLY A 7 -2.24 -6.01 -3.15
C GLY A 7 -2.62 -7.47 -2.90
N SER A 8 -1.63 -8.34 -2.75
CA SER A 8 -1.76 -9.78 -2.50
C SER A 8 -2.76 -10.11 -1.37
N GLN A 9 -2.68 -9.36 -0.26
CA GLN A 9 -3.58 -9.42 0.90
C GLN A 9 -5.06 -9.10 0.59
N ALA A 10 -5.33 -8.49 -0.56
CA ALA A 10 -6.65 -8.02 -0.99
C ALA A 10 -7.11 -8.57 -2.36
N GLY A 11 -6.40 -9.53 -2.96
CA GLY A 11 -6.73 -10.09 -4.29
C GLY A 11 -6.11 -9.32 -5.47
N GLY A 12 -4.99 -8.63 -5.24
CA GLY A 12 -4.25 -7.82 -6.21
C GLY A 12 -4.76 -6.38 -6.34
N LYS A 13 -5.79 -6.00 -5.58
CA LYS A 13 -6.54 -4.75 -5.72
C LYS A 13 -5.81 -3.54 -5.13
N LEU A 14 -5.96 -2.39 -5.78
CA LEU A 14 -5.38 -1.09 -5.41
C LEU A 14 -5.95 -0.47 -4.12
N CYS A 15 -5.31 0.60 -3.63
CA CYS A 15 -5.85 1.47 -2.57
C CYS A 15 -6.88 2.47 -3.17
N PRO A 16 -7.85 2.96 -2.37
CA PRO A 16 -8.91 3.88 -2.83
C PRO A 16 -8.42 5.32 -3.13
N ASN A 17 -7.17 5.57 -2.82
CA ASN A 17 -6.35 6.77 -2.94
C ASN A 17 -4.91 6.33 -3.18
N ASN A 18 -4.04 7.17 -3.75
CA ASN A 18 -2.70 6.84 -4.22
C ASN A 18 -1.67 6.54 -3.12
N LEU A 19 -2.15 6.26 -1.91
CA LEU A 19 -1.40 5.72 -0.80
C LEU A 19 -0.64 4.48 -1.23
N CYS A 20 0.57 4.42 -0.70
CA CYS A 20 1.45 3.29 -0.82
C CYS A 20 0.81 2.14 -0.06
N CYS A 21 0.55 1.04 -0.75
CA CYS A 21 0.13 -0.19 -0.10
C CYS A 21 1.36 -0.83 0.55
N SER A 22 1.39 -0.99 1.88
CA SER A 22 2.54 -1.53 2.62
C SER A 22 2.82 -3.01 2.33
N GLN A 23 3.93 -3.53 2.87
CA GLN A 23 4.25 -4.97 2.89
C GLN A 23 3.16 -5.83 3.54
N TRP A 24 2.46 -5.22 4.50
CA TRP A 24 1.31 -5.74 5.23
C TRP A 24 -0.02 -5.54 4.47
N GLY A 25 0.04 -4.89 3.31
CA GLY A 25 -1.07 -4.56 2.41
C GLY A 25 -1.78 -3.23 2.71
N PHE A 26 -1.61 -2.64 3.88
CA PHE A 26 -2.39 -1.46 4.31
C PHE A 26 -1.93 -0.16 3.66
N CYS A 27 -2.87 0.76 3.37
CA CYS A 27 -2.59 2.04 2.73
C CYS A 27 -1.96 3.06 3.70
N GLY A 28 -0.94 3.79 3.24
CA GLY A 28 -0.36 4.97 3.92
C GLY A 28 0.77 5.61 3.10
N LEU A 29 1.59 6.47 3.71
CA LEU A 29 2.66 7.21 3.00
C LEU A 29 3.98 7.31 3.77
N GLY A 30 5.06 7.53 3.03
CA GLY A 30 6.43 7.62 3.54
C GLY A 30 7.05 6.23 3.71
N SER A 31 8.23 6.19 4.31
CA SER A 31 9.03 4.96 4.43
C SER A 31 8.33 3.81 5.18
N GLU A 32 7.23 4.07 5.89
CA GLU A 32 6.46 3.01 6.57
C GLU A 32 5.54 2.22 5.64
N PHE A 33 5.22 2.77 4.47
CA PHE A 33 4.26 2.21 3.53
C PHE A 33 4.81 2.09 2.11
N CYS A 34 5.71 3.00 1.72
CA CYS A 34 6.45 2.96 0.46
C CYS A 34 7.87 2.39 0.59
N GLY A 35 8.41 2.17 1.80
CA GLY A 35 9.84 1.85 2.01
C GLY A 35 10.23 0.41 1.72
N GLY A 36 10.15 0.02 0.45
CA GLY A 36 10.44 -1.33 -0.03
C GLY A 36 9.25 -2.28 0.14
N GLY A 37 9.07 -3.20 -0.81
CA GLY A 37 7.99 -4.21 -0.79
C GLY A 37 6.56 -3.67 -0.91
N CYS A 38 6.39 -2.36 -1.18
CA CYS A 38 5.11 -1.72 -1.40
C CYS A 38 4.36 -2.33 -2.61
N GLN A 39 3.06 -2.61 -2.47
CA GLN A 39 2.26 -3.26 -3.52
C GLN A 39 2.00 -2.38 -4.75
N SER A 40 1.53 -1.15 -4.50
CA SER A 40 1.08 -0.14 -5.47
C SER A 40 1.00 1.24 -4.78
N GLY A 41 0.48 2.26 -5.45
CA GLY A 41 0.32 3.63 -4.93
C GLY A 41 1.44 4.56 -5.38
N ALA A 42 1.91 5.44 -4.49
CA ALA A 42 3.05 6.34 -4.74
C ALA A 42 4.42 5.62 -4.62
N CYS A 43 4.40 4.31 -4.91
CA CYS A 43 5.43 3.30 -4.70
C CYS A 43 6.44 3.21 -5.85
N SER A 44 7.60 2.62 -5.54
CA SER A 44 8.69 2.31 -6.48
C SER A 44 8.39 1.08 -7.36
N THR A 45 7.28 1.17 -8.08
CA THR A 45 6.66 0.14 -8.94
C THR A 45 7.40 -0.06 -10.26
N ALA A 1 -9.42 4.92 13.02
CA ALA A 1 -8.38 4.94 11.97
C ALA A 1 -8.74 3.94 10.88
N MET A 2 -8.57 4.31 9.60
CA MET A 2 -8.89 3.48 8.45
C MET A 2 -7.91 2.29 8.30
N ASP A 3 -8.32 1.12 8.77
CA ASP A 3 -7.64 -0.17 8.59
C ASP A 3 -7.92 -0.78 7.20
N ILE A 4 -7.75 0.03 6.15
CA ILE A 4 -8.02 -0.32 4.76
C ILE A 4 -6.80 -1.01 4.13
N LYS A 5 -7.04 -2.16 3.48
CA LYS A 5 -6.01 -2.97 2.80
C LYS A 5 -6.23 -3.14 1.29
N CYS A 6 -5.16 -3.57 0.63
CA CYS A 6 -4.93 -3.62 -0.81
C CYS A 6 -3.79 -4.61 -1.14
N GLY A 7 -3.34 -4.64 -2.40
CA GLY A 7 -2.25 -5.46 -2.88
C GLY A 7 -2.51 -6.96 -2.73
N SER A 8 -1.46 -7.73 -2.49
CA SER A 8 -1.48 -9.18 -2.27
C SER A 8 -2.51 -9.60 -1.20
N GLN A 9 -2.54 -8.85 -0.10
CA GLN A 9 -3.42 -9.09 1.04
C GLN A 9 -4.90 -8.81 0.74
N ALA A 10 -5.21 -8.16 -0.39
CA ALA A 10 -6.55 -7.99 -0.94
C ALA A 10 -6.80 -8.75 -2.26
N GLY A 11 -5.90 -9.63 -2.69
CA GLY A 11 -6.02 -10.34 -3.97
C GLY A 11 -5.77 -9.47 -5.22
N GLY A 12 -5.00 -8.38 -5.07
CA GLY A 12 -4.55 -7.53 -6.16
C GLY A 12 -5.36 -6.24 -6.38
N LYS A 13 -6.18 -5.80 -5.43
CA LYS A 13 -6.86 -4.49 -5.50
C LYS A 13 -5.91 -3.35 -5.12
N LEU A 14 -6.11 -2.18 -5.70
CA LEU A 14 -5.43 -0.94 -5.31
C LEU A 14 -6.03 -0.35 -4.01
N CYS A 15 -5.39 0.71 -3.50
CA CYS A 15 -5.98 1.58 -2.48
C CYS A 15 -7.12 2.43 -3.12
N PRO A 16 -8.06 2.99 -2.33
CA PRO A 16 -9.09 3.94 -2.82
C PRO A 16 -8.55 5.34 -3.18
N ASN A 17 -7.25 5.53 -2.98
CA ASN A 17 -6.46 6.76 -3.07
C ASN A 17 -5.00 6.39 -3.37
N ASN A 18 -4.17 7.32 -3.84
CA ASN A 18 -2.80 7.11 -4.34
C ASN A 18 -1.76 6.54 -3.34
N LEU A 19 -2.20 6.18 -2.13
CA LEU A 19 -1.43 5.57 -1.05
C LEU A 19 -0.69 4.31 -1.46
N CYS A 20 0.47 4.19 -0.82
CA CYS A 20 1.40 3.08 -0.94
C CYS A 20 0.81 1.87 -0.19
N CYS A 21 0.62 0.77 -0.90
CA CYS A 21 0.27 -0.54 -0.35
C CYS A 21 1.51 -1.21 0.25
N SER A 22 1.58 -1.27 1.59
CA SER A 22 2.75 -1.73 2.34
C SER A 22 3.08 -3.23 2.20
N GLN A 23 4.15 -3.65 2.90
CA GLN A 23 4.54 -5.05 3.12
C GLN A 23 3.41 -5.93 3.69
N TRP A 24 2.57 -5.32 4.53
CA TRP A 24 1.38 -5.89 5.15
C TRP A 24 0.08 -5.64 4.34
N GLY A 25 0.20 -4.92 3.22
CA GLY A 25 -0.89 -4.58 2.31
C GLY A 25 -1.82 -3.48 2.79
N PHE A 26 -1.50 -2.72 3.84
CA PHE A 26 -2.30 -1.56 4.26
C PHE A 26 -1.87 -0.27 3.52
N CYS A 27 -2.81 0.65 3.33
CA CYS A 27 -2.56 1.94 2.68
C CYS A 27 -1.94 2.98 3.63
N GLY A 28 -0.97 3.72 3.11
CA GLY A 28 -0.38 4.91 3.75
C GLY A 28 0.77 5.53 2.96
N LEU A 29 1.55 6.41 3.59
CA LEU A 29 2.64 7.17 2.96
C LEU A 29 3.90 7.26 3.83
N GLY A 30 5.04 7.42 3.18
CA GLY A 30 6.37 7.46 3.79
C GLY A 30 7.04 6.09 3.85
N SER A 31 8.17 6.05 4.53
CA SER A 31 9.08 4.90 4.57
C SER A 31 8.49 3.65 5.26
N GLU A 32 7.27 3.70 5.81
CA GLU A 32 6.59 2.55 6.43
C GLU A 32 5.53 1.89 5.52
N PHE A 33 5.26 2.53 4.38
CA PHE A 33 4.31 2.07 3.36
C PHE A 33 4.93 2.00 1.97
N CYS A 34 5.63 3.06 1.54
CA CYS A 34 6.42 3.06 0.30
C CYS A 34 7.86 2.53 0.48
N GLY A 35 8.38 2.51 1.71
CA GLY A 35 9.76 2.08 2.00
C GLY A 35 9.91 0.57 2.18
N GLY A 36 10.03 -0.16 1.07
CA GLY A 36 10.20 -1.62 1.02
C GLY A 36 8.86 -2.35 0.84
N GLY A 37 8.83 -3.32 -0.07
CA GLY A 37 7.64 -4.11 -0.41
C GLY A 37 6.43 -3.33 -0.96
N CYS A 38 6.61 -2.11 -1.47
CA CYS A 38 5.54 -1.27 -2.03
C CYS A 38 4.87 -1.96 -3.24
N GLN A 39 3.64 -2.45 -3.04
CA GLN A 39 2.86 -3.20 -4.03
C GLN A 39 2.28 -2.34 -5.15
N SER A 40 1.58 -1.28 -4.75
CA SER A 40 0.87 -0.27 -5.57
C SER A 40 0.89 1.08 -4.86
N GLY A 41 0.59 2.17 -5.57
CA GLY A 41 0.54 3.53 -5.03
C GLY A 41 1.75 4.39 -5.43
N ALA A 42 2.16 5.30 -4.56
CA ALA A 42 3.19 6.31 -4.85
C ALA A 42 4.65 5.78 -4.78
N CYS A 43 4.86 4.51 -5.18
CA CYS A 43 6.12 3.76 -5.06
C CYS A 43 7.29 4.44 -5.80
N SER A 44 8.52 4.26 -5.29
CA SER A 44 9.73 4.99 -5.71
C SER A 44 11.06 4.22 -5.53
N THR A 45 11.09 3.20 -4.67
CA THR A 45 12.23 2.29 -4.44
C THR A 45 12.60 1.48 -5.68
N ALA A 1 -8.59 6.18 9.91
CA ALA A 1 -9.70 5.79 9.02
C ALA A 1 -9.91 4.28 9.09
N MET A 2 -10.74 3.71 8.21
CA MET A 2 -10.94 2.25 8.06
C MET A 2 -9.62 1.53 7.73
N ASP A 3 -9.51 0.27 8.17
CA ASP A 3 -8.33 -0.58 7.96
C ASP A 3 -8.35 -1.21 6.55
N ILE A 4 -8.12 -0.39 5.53
CA ILE A 4 -8.04 -0.82 4.12
C ILE A 4 -6.68 -1.46 3.81
N LYS A 5 -6.70 -2.67 3.22
CA LYS A 5 -5.51 -3.37 2.70
C LYS A 5 -5.62 -3.66 1.19
N CYS A 6 -4.45 -3.85 0.57
CA CYS A 6 -4.19 -3.84 -0.88
C CYS A 6 -3.15 -4.88 -1.31
N GLY A 7 -3.10 -5.10 -2.63
CA GLY A 7 -2.19 -6.02 -3.33
C GLY A 7 -2.58 -7.48 -3.14
N SER A 8 -1.56 -8.35 -3.14
CA SER A 8 -1.68 -9.79 -2.93
C SER A 8 -2.36 -10.15 -1.60
N GLN A 9 -2.17 -9.33 -0.56
CA GLN A 9 -2.84 -9.46 0.75
C GLN A 9 -4.34 -9.05 0.75
N ALA A 10 -4.89 -8.71 -0.42
CA ALA A 10 -6.30 -8.36 -0.67
C ALA A 10 -6.88 -8.95 -1.99
N GLY A 11 -6.15 -9.84 -2.67
CA GLY A 11 -6.60 -10.45 -3.94
C GLY A 11 -6.35 -9.61 -5.20
N GLY A 12 -5.34 -8.72 -5.19
CA GLY A 12 -4.89 -7.95 -6.36
C GLY A 12 -5.57 -6.59 -6.55
N LYS A 13 -5.98 -5.96 -5.43
CA LYS A 13 -6.70 -4.67 -5.38
C LYS A 13 -5.77 -3.51 -5.03
N LEU A 14 -6.18 -2.29 -5.36
CA LEU A 14 -5.44 -1.02 -5.15
C LEU A 14 -6.15 -0.11 -4.13
N CYS A 15 -5.40 0.69 -3.36
CA CYS A 15 -5.98 1.71 -2.48
C CYS A 15 -6.80 2.74 -3.28
N PRO A 16 -7.85 3.37 -2.70
CA PRO A 16 -8.72 4.28 -3.45
C PRO A 16 -7.97 5.58 -3.84
N ASN A 17 -7.31 6.18 -2.86
CA ASN A 17 -6.33 7.26 -2.96
C ASN A 17 -4.92 6.74 -3.32
N ASN A 18 -4.01 7.63 -3.74
CA ASN A 18 -2.62 7.44 -4.16
C ASN A 18 -1.65 6.79 -3.14
N LEU A 19 -2.18 6.27 -2.03
CA LEU A 19 -1.47 5.67 -0.92
C LEU A 19 -0.72 4.40 -1.29
N CYS A 20 0.47 4.32 -0.70
CA CYS A 20 1.39 3.22 -0.77
C CYS A 20 0.83 2.06 0.06
N CYS A 21 0.68 0.90 -0.55
CA CYS A 21 0.32 -0.34 0.14
C CYS A 21 1.56 -1.02 0.77
N SER A 22 1.64 -1.07 2.10
CA SER A 22 2.83 -1.49 2.87
C SER A 22 3.19 -2.99 2.75
N GLN A 23 4.26 -3.42 3.44
CA GLN A 23 4.62 -4.84 3.64
C GLN A 23 3.42 -5.68 4.09
N TRP A 24 2.65 -5.10 5.00
CA TRP A 24 1.43 -5.66 5.60
C TRP A 24 0.17 -5.50 4.73
N GLY A 25 0.31 -4.84 3.57
CA GLY A 25 -0.74 -4.55 2.58
C GLY A 25 -1.52 -3.25 2.82
N PHE A 26 -1.41 -2.60 3.99
CA PHE A 26 -2.25 -1.44 4.37
C PHE A 26 -1.82 -0.11 3.72
N CYS A 27 -2.78 0.79 3.50
CA CYS A 27 -2.56 2.09 2.85
C CYS A 27 -1.94 3.17 3.80
N GLY A 28 -0.95 3.91 3.29
CA GLY A 28 -0.36 5.11 3.90
C GLY A 28 0.77 5.72 3.06
N LEU A 29 1.60 6.61 3.63
CA LEU A 29 2.70 7.28 2.90
C LEU A 29 3.99 7.45 3.72
N GLY A 30 5.11 7.60 3.02
CA GLY A 30 6.46 7.55 3.58
C GLY A 30 7.03 6.13 3.59
N SER A 31 8.26 5.98 4.06
CA SER A 31 9.03 4.72 4.01
C SER A 31 8.38 3.57 4.79
N GLU A 32 7.39 3.85 5.64
CA GLU A 32 6.66 2.82 6.40
C GLU A 32 5.60 2.09 5.57
N PHE A 33 5.27 2.67 4.42
CA PHE A 33 4.29 2.18 3.45
C PHE A 33 4.86 2.02 2.04
N CYS A 34 5.86 2.85 1.69
CA CYS A 34 6.51 2.91 0.38
C CYS A 34 7.99 2.46 0.38
N GLY A 35 8.57 2.02 1.51
CA GLY A 35 10.01 1.71 1.61
C GLY A 35 10.44 0.26 1.37
N GLY A 36 9.49 -0.61 1.04
CA GLY A 36 9.70 -2.03 0.81
C GLY A 36 8.36 -2.77 0.78
N GLY A 37 8.15 -3.63 -0.22
CA GLY A 37 6.88 -4.32 -0.45
C GLY A 37 5.76 -3.48 -1.08
N CYS A 38 6.03 -2.25 -1.57
CA CYS A 38 5.01 -1.35 -2.12
C CYS A 38 4.22 -1.96 -3.29
N GLN A 39 2.99 -2.41 -3.02
CA GLN A 39 2.13 -3.06 -4.01
C GLN A 39 1.66 -2.11 -5.12
N SER A 40 1.24 -0.91 -4.71
CA SER A 40 0.57 0.14 -5.48
C SER A 40 0.65 1.45 -4.68
N GLY A 41 0.28 2.57 -5.30
CA GLY A 41 0.42 3.92 -4.76
C GLY A 41 1.67 4.65 -5.26
N ALA A 42 2.19 5.58 -4.45
CA ALA A 42 3.29 6.48 -4.82
C ALA A 42 4.70 5.82 -4.74
N CYS A 43 4.78 4.55 -5.14
CA CYS A 43 5.94 3.66 -4.96
C CYS A 43 7.25 4.22 -5.51
N SER A 44 8.36 3.86 -4.86
CA SER A 44 9.72 4.07 -5.32
C SER A 44 10.14 2.99 -6.33
N THR A 45 9.66 1.76 -6.18
CA THR A 45 10.06 0.57 -6.96
C THR A 45 8.91 -0.40 -7.21
N ALA A 1 -6.61 5.34 13.20
CA ALA A 1 -7.75 5.98 12.53
C ALA A 1 -8.47 5.03 11.56
N MET A 2 -7.73 4.33 10.68
CA MET A 2 -8.29 3.38 9.72
C MET A 2 -7.35 2.18 9.47
N ASP A 3 -7.93 1.03 9.17
CA ASP A 3 -7.26 -0.20 8.73
C ASP A 3 -7.70 -0.60 7.29
N ILE A 4 -7.48 0.28 6.30
CA ILE A 4 -7.82 0.00 4.90
C ILE A 4 -6.74 -0.87 4.24
N LYS A 5 -7.16 -2.01 3.66
CA LYS A 5 -6.26 -3.02 3.07
C LYS A 5 -6.39 -3.21 1.55
N CYS A 6 -5.33 -3.71 0.93
CA CYS A 6 -5.08 -3.78 -0.50
C CYS A 6 -3.83 -4.67 -0.81
N GLY A 7 -3.30 -4.63 -2.03
CA GLY A 7 -2.09 -5.36 -2.43
C GLY A 7 -2.28 -6.88 -2.53
N SER A 8 -1.19 -7.62 -2.35
CA SER A 8 -1.14 -9.09 -2.43
C SER A 8 -2.10 -9.77 -1.43
N GLN A 9 -2.24 -9.15 -0.25
CA GLN A 9 -3.16 -9.50 0.83
C GLN A 9 -4.65 -9.38 0.47
N ALA A 10 -4.97 -8.75 -0.66
CA ALA A 10 -6.32 -8.63 -1.23
C ALA A 10 -6.44 -9.20 -2.66
N GLY A 11 -5.38 -9.83 -3.19
CA GLY A 11 -5.34 -10.36 -4.57
C GLY A 11 -4.99 -9.33 -5.65
N GLY A 12 -4.29 -8.24 -5.31
CA GLY A 12 -3.73 -7.28 -6.27
C GLY A 12 -4.35 -5.87 -6.26
N LYS A 13 -5.30 -5.60 -5.36
CA LYS A 13 -6.08 -4.35 -5.31
C LYS A 13 -5.23 -3.10 -5.05
N LEU A 14 -5.66 -1.97 -5.61
CA LEU A 14 -5.15 -0.61 -5.39
C LEU A 14 -5.86 0.09 -4.21
N CYS A 15 -5.21 1.07 -3.59
CA CYS A 15 -5.83 1.98 -2.62
C CYS A 15 -6.88 2.90 -3.30
N PRO A 16 -7.89 3.41 -2.57
CA PRO A 16 -8.87 4.38 -3.09
C PRO A 16 -8.28 5.78 -3.40
N ASN A 17 -7.02 6.00 -2.99
CA ASN A 17 -6.23 7.22 -3.09
C ASN A 17 -4.77 6.90 -3.51
N ASN A 18 -3.89 7.91 -3.66
CA ASN A 18 -2.47 7.79 -4.03
C ASN A 18 -1.60 6.93 -3.09
N LEU A 19 -2.16 6.55 -1.93
CA LEU A 19 -1.49 5.78 -0.88
C LEU A 19 -0.83 4.50 -1.38
N CYS A 20 0.33 4.27 -0.76
CA CYS A 20 1.17 3.12 -0.99
C CYS A 20 0.62 1.95 -0.18
N CYS A 21 0.30 0.86 -0.86
CA CYS A 21 -0.06 -0.41 -0.26
C CYS A 21 1.21 -1.10 0.28
N SER A 22 1.32 -1.23 1.61
CA SER A 22 2.50 -1.75 2.30
C SER A 22 2.75 -3.26 2.16
N GLN A 23 3.92 -3.68 2.67
CA GLN A 23 4.34 -5.06 2.88
C GLN A 23 3.32 -5.93 3.63
N TRP A 24 2.56 -5.30 4.53
CA TRP A 24 1.52 -5.92 5.38
C TRP A 24 0.11 -5.85 4.76
N GLY A 25 -0.01 -5.17 3.61
CA GLY A 25 -1.24 -5.02 2.85
C GLY A 25 -2.08 -3.77 3.16
N PHE A 26 -1.55 -2.73 3.81
CA PHE A 26 -2.32 -1.53 4.21
C PHE A 26 -1.92 -0.26 3.46
N CYS A 27 -2.89 0.63 3.22
CA CYS A 27 -2.63 1.97 2.66
C CYS A 27 -1.93 2.90 3.66
N GLY A 28 -1.04 3.75 3.15
CA GLY A 28 -0.42 4.88 3.87
C GLY A 28 0.73 5.52 3.09
N LEU A 29 1.47 6.45 3.71
CA LEU A 29 2.62 7.14 3.12
C LEU A 29 3.78 7.34 4.09
N GLY A 30 4.95 7.53 3.49
CA GLY A 30 6.26 7.51 4.13
C GLY A 30 6.91 6.13 3.94
N SER A 31 8.17 5.99 4.34
CA SER A 31 8.93 4.75 4.10
C SER A 31 8.30 3.51 4.78
N GLU A 32 7.40 3.71 5.75
CA GLU A 32 6.73 2.61 6.48
C GLU A 32 5.63 1.93 5.66
N PHE A 33 5.16 2.59 4.59
CA PHE A 33 4.17 2.07 3.63
C PHE A 33 4.74 1.98 2.21
N CYS A 34 5.55 2.95 1.80
CA CYS A 34 6.10 3.05 0.44
C CYS A 34 7.56 2.59 0.30
N GLY A 35 8.28 2.34 1.40
CA GLY A 35 9.74 2.14 1.36
C GLY A 35 10.20 0.82 0.76
N GLY A 36 9.71 -0.30 1.29
CA GLY A 36 10.17 -1.65 0.93
C GLY A 36 9.32 -2.29 -0.18
N GLY A 37 8.65 -3.38 0.17
CA GLY A 37 7.78 -4.21 -0.67
C GLY A 37 6.43 -3.55 -1.02
N CYS A 38 6.47 -2.29 -1.40
CA CYS A 38 5.33 -1.50 -1.87
C CYS A 38 4.61 -2.19 -3.03
N GLN A 39 3.35 -2.58 -2.80
CA GLN A 39 2.52 -3.34 -3.73
C GLN A 39 2.00 -2.50 -4.92
N SER A 40 1.46 -1.31 -4.61
CA SER A 40 0.70 -0.39 -5.45
C SER A 40 0.72 1.01 -4.82
N GLY A 41 0.35 2.05 -5.58
CA GLY A 41 0.39 3.45 -5.13
C GLY A 41 1.63 4.19 -5.63
N ALA A 42 2.12 5.15 -4.84
CA ALA A 42 3.25 6.01 -5.23
C ALA A 42 4.64 5.35 -5.11
N CYS A 43 4.71 4.02 -5.26
CA CYS A 43 5.93 3.21 -5.17
C CYS A 43 6.99 3.68 -6.18
N SER A 44 8.26 3.65 -5.78
CA SER A 44 9.41 3.86 -6.68
C SER A 44 9.98 2.55 -7.26
N THR A 45 9.49 1.40 -6.78
CA THR A 45 9.83 0.02 -7.22
C THR A 45 9.87 -0.14 -8.73
N ALA A 1 -4.63 8.12 8.97
CA ALA A 1 -5.14 7.43 7.76
C ALA A 1 -5.95 6.19 8.16
N MET A 2 -6.97 5.82 7.39
CA MET A 2 -7.81 4.65 7.67
C MET A 2 -7.05 3.33 7.50
N ASP A 3 -7.44 2.33 8.30
CA ASP A 3 -6.89 0.97 8.31
C ASP A 3 -7.47 0.10 7.18
N ILE A 4 -7.41 0.61 5.94
CA ILE A 4 -7.76 -0.08 4.71
C ILE A 4 -6.56 -0.85 4.16
N LYS A 5 -6.78 -2.07 3.66
CA LYS A 5 -5.75 -2.94 3.03
C LYS A 5 -6.04 -3.32 1.58
N CYS A 6 -4.97 -3.66 0.88
CA CYS A 6 -4.86 -3.89 -0.55
C CYS A 6 -3.59 -4.70 -0.86
N GLY A 7 -3.09 -4.67 -2.10
CA GLY A 7 -1.88 -5.41 -2.49
C GLY A 7 -2.10 -6.91 -2.70
N SER A 8 -0.98 -7.63 -2.79
CA SER A 8 -0.93 -9.11 -2.83
C SER A 8 -1.63 -9.73 -1.60
N GLN A 9 -1.49 -9.09 -0.43
CA GLN A 9 -2.14 -9.46 0.82
C GLN A 9 -3.68 -9.49 0.77
N ALA A 10 -4.28 -8.89 -0.27
CA ALA A 10 -5.73 -8.81 -0.50
C ALA A 10 -6.16 -9.27 -1.91
N GLY A 11 -5.30 -10.00 -2.63
CA GLY A 11 -5.60 -10.52 -3.97
C GLY A 11 -5.45 -9.53 -5.13
N GLY A 12 -4.67 -8.47 -4.98
CA GLY A 12 -4.30 -7.55 -6.06
C GLY A 12 -5.20 -6.31 -6.21
N LYS A 13 -5.75 -5.83 -5.09
CA LYS A 13 -6.48 -4.55 -4.98
C LYS A 13 -5.52 -3.35 -4.98
N LEU A 14 -6.05 -2.17 -5.28
CA LEU A 14 -5.41 -0.85 -5.16
C LEU A 14 -6.00 -0.02 -4.00
N CYS A 15 -5.26 1.00 -3.54
CA CYS A 15 -5.81 2.01 -2.64
C CYS A 15 -6.80 2.95 -3.38
N PRO A 16 -7.78 3.55 -2.69
CA PRO A 16 -8.73 4.53 -3.27
C PRO A 16 -8.13 5.91 -3.62
N ASN A 17 -6.85 6.09 -3.31
CA ASN A 17 -5.98 7.27 -3.41
C ASN A 17 -4.53 6.84 -3.71
N ASN A 18 -3.61 7.76 -3.94
CA ASN A 18 -2.19 7.55 -4.27
C ASN A 18 -1.37 6.72 -3.26
N LEU A 19 -1.96 6.40 -2.10
CA LEU A 19 -1.35 5.68 -1.00
C LEU A 19 -0.70 4.36 -1.43
N CYS A 20 0.42 4.13 -0.79
CA CYS A 20 1.27 2.98 -1.02
C CYS A 20 0.71 1.81 -0.20
N CYS A 21 0.30 0.76 -0.90
CA CYS A 21 -0.07 -0.52 -0.31
C CYS A 21 1.19 -1.19 0.23
N SER A 22 1.34 -1.24 1.55
CA SER A 22 2.52 -1.76 2.26
C SER A 22 2.75 -3.28 2.12
N GLN A 23 3.87 -3.76 2.67
CA GLN A 23 4.17 -5.19 2.86
C GLN A 23 3.01 -5.94 3.53
N TRP A 24 2.50 -5.33 4.61
CA TRP A 24 1.35 -5.83 5.40
C TRP A 24 -0.01 -5.63 4.71
N GLY A 25 -0.03 -4.95 3.57
CA GLY A 25 -1.18 -4.71 2.70
C GLY A 25 -1.85 -3.35 2.90
N PHE A 26 -1.69 -2.70 4.06
CA PHE A 26 -2.36 -1.44 4.39
C PHE A 26 -1.89 -0.23 3.55
N CYS A 27 -2.83 0.64 3.18
CA CYS A 27 -2.56 1.95 2.56
C CYS A 27 -1.92 2.92 3.57
N GLY A 28 -0.98 3.73 3.08
CA GLY A 28 -0.41 4.87 3.80
C GLY A 28 0.78 5.49 3.04
N LEU A 29 1.54 6.37 3.70
CA LEU A 29 2.67 7.10 3.11
C LEU A 29 3.88 7.21 4.05
N GLY A 30 5.04 7.35 3.41
CA GLY A 30 6.36 7.37 4.03
C GLY A 30 7.00 5.97 4.06
N SER A 31 8.17 5.88 4.69
CA SER A 31 8.98 4.66 4.72
C SER A 31 8.34 3.47 5.46
N GLU A 32 7.17 3.63 6.09
CA GLU A 32 6.42 2.51 6.71
C GLU A 32 5.40 1.86 5.76
N PHE A 33 5.10 2.51 4.64
CA PHE A 33 4.10 2.06 3.65
C PHE A 33 4.68 1.98 2.24
N CYS A 34 5.32 3.05 1.78
CA CYS A 34 6.01 3.09 0.50
C CYS A 34 7.47 2.61 0.58
N GLY A 35 8.02 2.37 1.79
CA GLY A 35 9.43 2.06 1.99
C GLY A 35 9.78 0.60 1.74
N GLY A 36 9.97 0.26 0.47
CA GLY A 36 10.18 -1.12 0.02
C GLY A 36 8.90 -1.96 0.07
N GLY A 37 8.84 -3.01 -0.73
CA GLY A 37 7.70 -3.93 -0.82
C GLY A 37 6.37 -3.30 -1.22
N CYS A 38 6.37 -2.04 -1.67
CA CYS A 38 5.18 -1.31 -2.09
C CYS A 38 4.47 -2.03 -3.24
N GLN A 39 3.28 -2.56 -2.96
CA GLN A 39 2.47 -3.33 -3.90
C GLN A 39 1.98 -2.49 -5.08
N SER A 40 1.40 -1.35 -4.75
CA SER A 40 0.64 -0.40 -5.58
C SER A 40 0.64 0.97 -4.90
N GLY A 41 0.40 2.05 -5.64
CA GLY A 41 0.44 3.42 -5.13
C GLY A 41 1.63 4.22 -5.64
N ALA A 42 2.11 5.20 -4.87
CA ALA A 42 3.22 6.08 -5.24
C ALA A 42 4.62 5.43 -5.15
N CYS A 43 4.69 4.11 -5.41
CA CYS A 43 5.87 3.26 -5.23
C CYS A 43 7.11 3.81 -5.95
N SER A 44 8.20 3.99 -5.21
CA SER A 44 9.40 4.71 -5.62
C SER A 44 10.72 4.03 -5.18
N THR A 45 10.62 2.88 -4.52
CA THR A 45 11.73 1.98 -4.16
C THR A 45 11.70 0.71 -5.02
N ALA A 1 -9.03 8.33 10.53
CA ALA A 1 -8.25 7.08 10.52
C ALA A 1 -8.98 6.00 9.74
N MET A 2 -8.25 5.19 8.97
CA MET A 2 -8.75 4.04 8.21
C MET A 2 -7.69 2.90 8.14
N ASP A 3 -8.14 1.68 7.86
CA ASP A 3 -7.32 0.47 7.72
C ASP A 3 -7.72 -0.35 6.48
N ILE A 4 -7.49 0.24 5.30
CA ILE A 4 -7.68 -0.43 4.01
C ILE A 4 -6.41 -1.17 3.60
N LYS A 5 -6.53 -2.44 3.20
CA LYS A 5 -5.46 -3.23 2.58
C LYS A 5 -5.67 -3.56 1.10
N CYS A 6 -4.54 -3.84 0.44
CA CYS A 6 -4.36 -3.99 -1.00
C CYS A 6 -3.17 -4.93 -1.34
N GLY A 7 -3.01 -5.24 -2.63
CA GLY A 7 -2.09 -6.25 -3.15
C GLY A 7 -2.56 -7.68 -2.90
N SER A 8 -1.60 -8.59 -2.71
CA SER A 8 -1.80 -10.01 -2.39
C SER A 8 -2.81 -10.24 -1.25
N GLN A 9 -2.70 -9.42 -0.19
CA GLN A 9 -3.54 -9.42 1.01
C GLN A 9 -5.01 -9.02 0.76
N ALA A 10 -5.33 -8.59 -0.46
CA ALA A 10 -6.68 -8.34 -0.93
C ALA A 10 -7.05 -9.12 -2.21
N GLY A 11 -6.14 -9.93 -2.78
CA GLY A 11 -6.33 -10.60 -4.06
C GLY A 11 -6.14 -9.68 -5.29
N GLY A 12 -5.35 -8.62 -5.14
CA GLY A 12 -4.89 -7.76 -6.24
C GLY A 12 -5.48 -6.35 -6.27
N LYS A 13 -6.31 -5.97 -5.29
CA LYS A 13 -6.89 -4.62 -5.17
C LYS A 13 -5.81 -3.58 -4.85
N LEU A 14 -6.06 -2.33 -5.19
CA LEU A 14 -5.22 -1.15 -4.92
C LEU A 14 -5.88 -0.28 -3.83
N CYS A 15 -5.26 0.83 -3.42
CA CYS A 15 -5.92 1.82 -2.56
C CYS A 15 -7.00 2.63 -3.33
N PRO A 16 -7.95 3.28 -2.63
CA PRO A 16 -8.93 4.22 -3.23
C PRO A 16 -8.35 5.63 -3.56
N ASN A 17 -7.11 5.86 -3.12
CA ASN A 17 -6.29 7.08 -3.23
C ASN A 17 -4.82 6.70 -3.47
N ASN A 18 -3.94 7.64 -3.87
CA ASN A 18 -2.54 7.45 -4.18
C ASN A 18 -1.65 7.26 -2.92
N LEU A 19 -2.12 6.40 -2.03
CA LEU A 19 -1.43 5.86 -0.88
C LEU A 19 -0.67 4.61 -1.27
N CYS A 20 0.49 4.48 -0.65
CA CYS A 20 1.35 3.34 -0.79
C CYS A 20 0.75 2.19 0.03
N CYS A 21 0.52 1.06 -0.62
CA CYS A 21 0.17 -0.17 0.09
C CYS A 21 1.46 -0.77 0.68
N SER A 22 1.55 -0.93 2.01
CA SER A 22 2.71 -1.51 2.70
C SER A 22 2.95 -2.97 2.29
N GLN A 23 4.05 -3.56 2.77
CA GLN A 23 4.33 -5.00 2.58
C GLN A 23 3.21 -5.89 3.15
N TRP A 24 2.68 -5.46 4.30
CA TRP A 24 1.50 -6.02 5.00
C TRP A 24 0.17 -5.74 4.27
N GLY A 25 0.21 -4.92 3.22
CA GLY A 25 -0.88 -4.56 2.32
C GLY A 25 -1.57 -3.23 2.61
N PHE A 26 -1.34 -2.57 3.76
CA PHE A 26 -2.15 -1.42 4.20
C PHE A 26 -1.77 -0.07 3.56
N CYS A 27 -2.77 0.77 3.23
CA CYS A 27 -2.57 2.10 2.67
C CYS A 27 -2.00 3.11 3.69
N GLY A 28 -1.04 3.91 3.24
CA GLY A 28 -0.51 5.09 3.94
C GLY A 28 0.67 5.75 3.20
N LEU A 29 1.40 6.64 3.87
CA LEU A 29 2.56 7.38 3.32
C LEU A 29 3.71 7.53 4.32
N GLY A 30 4.92 7.61 3.78
CA GLY A 30 6.21 7.54 4.47
C GLY A 30 6.91 6.19 4.22
N SER A 31 8.16 6.08 4.69
CA SER A 31 9.01 4.88 4.50
C SER A 31 8.50 3.63 5.24
N GLU A 32 7.35 3.73 5.91
CA GLU A 32 6.62 2.64 6.58
C GLU A 32 5.51 2.02 5.70
N PHE A 33 5.20 2.67 4.57
CA PHE A 33 4.21 2.23 3.58
C PHE A 33 4.79 2.15 2.15
N CYS A 34 5.74 3.03 1.80
CA CYS A 34 6.45 3.02 0.52
C CYS A 34 7.93 2.55 0.65
N GLY A 35 8.32 1.96 1.78
CA GLY A 35 9.71 1.59 2.13
C GLY A 35 10.31 0.37 1.41
N GLY A 36 9.94 0.13 0.16
CA GLY A 36 10.29 -1.09 -0.57
C GLY A 36 9.39 -2.28 -0.22
N GLY A 37 9.10 -3.12 -1.23
CA GLY A 37 8.09 -4.18 -1.14
C GLY A 37 6.64 -3.68 -1.09
N CYS A 38 6.42 -2.38 -1.23
CA CYS A 38 5.09 -1.77 -1.38
C CYS A 38 4.34 -2.37 -2.58
N GLN A 39 3.03 -2.61 -2.42
CA GLN A 39 2.19 -3.21 -3.48
C GLN A 39 1.88 -2.26 -4.66
N SER A 40 1.39 -1.06 -4.36
CA SER A 40 0.81 -0.08 -5.30
C SER A 40 0.89 1.33 -4.68
N GLY A 41 0.35 2.34 -5.36
CA GLY A 41 0.32 3.75 -4.92
C GLY A 41 1.44 4.60 -5.51
N ALA A 42 2.01 5.50 -4.70
CA ALA A 42 3.19 6.29 -5.07
C ALA A 42 4.51 5.47 -5.04
N CYS A 43 4.38 4.14 -5.12
CA CYS A 43 5.36 3.10 -4.91
C CYS A 43 6.37 2.88 -6.06
N SER A 44 7.49 2.28 -5.69
CA SER A 44 8.64 1.94 -6.56
C SER A 44 8.44 0.65 -7.38
N THR A 45 7.58 -0.26 -6.90
CA THR A 45 7.27 -1.57 -7.53
C THR A 45 6.71 -1.42 -8.94
N ALA A 1 -6.36 8.12 7.97
CA ALA A 1 -5.49 6.94 8.07
C ALA A 1 -6.28 5.65 8.22
N MET A 2 -7.28 5.40 7.37
CA MET A 2 -8.21 4.28 7.51
C MET A 2 -7.56 2.89 7.34
N ASP A 3 -8.12 1.88 8.00
CA ASP A 3 -7.65 0.49 8.01
C ASP A 3 -8.14 -0.24 6.75
N ILE A 4 -7.54 0.11 5.61
CA ILE A 4 -7.80 -0.44 4.27
C ILE A 4 -6.52 -1.09 3.73
N LYS A 5 -6.61 -2.29 3.13
CA LYS A 5 -5.47 -3.04 2.57
C LYS A 5 -5.66 -3.55 1.13
N CYS A 6 -4.55 -3.82 0.46
CA CYS A 6 -4.43 -4.09 -0.97
C CYS A 6 -3.24 -5.02 -1.35
N GLY A 7 -3.06 -5.29 -2.64
CA GLY A 7 -2.04 -6.22 -3.18
C GLY A 7 -2.34 -7.70 -2.94
N SER A 8 -1.28 -8.49 -2.72
CA SER A 8 -1.33 -9.92 -2.37
C SER A 8 -2.29 -10.21 -1.19
N GLN A 9 -2.33 -9.31 -0.22
CA GLN A 9 -3.16 -9.41 0.98
C GLN A 9 -4.65 -9.05 0.75
N ALA A 10 -5.07 -8.83 -0.51
CA ALA A 10 -6.44 -8.50 -0.89
C ALA A 10 -6.92 -9.09 -2.24
N GLY A 11 -6.08 -9.85 -2.96
CA GLY A 11 -6.41 -10.37 -4.30
C GLY A 11 -6.08 -9.45 -5.48
N GLY A 12 -5.02 -8.63 -5.36
CA GLY A 12 -4.51 -7.78 -6.46
C GLY A 12 -5.13 -6.38 -6.54
N LYS A 13 -5.77 -5.93 -5.45
CA LYS A 13 -6.43 -4.62 -5.31
C LYS A 13 -5.43 -3.46 -5.13
N LEU A 14 -5.92 -2.23 -5.24
CA LEU A 14 -5.22 -0.94 -5.06
C LEU A 14 -5.83 -0.10 -3.93
N CYS A 15 -5.14 0.94 -3.45
CA CYS A 15 -5.74 1.97 -2.59
C CYS A 15 -6.69 2.90 -3.40
N PRO A 16 -7.77 3.43 -2.78
CA PRO A 16 -8.73 4.30 -3.47
C PRO A 16 -8.14 5.69 -3.80
N ASN A 17 -7.38 6.22 -2.84
CA ASN A 17 -6.45 7.35 -2.90
C ASN A 17 -5.03 6.86 -3.24
N ASN A 18 -4.11 7.75 -3.63
CA ASN A 18 -2.75 7.50 -4.06
C ASN A 18 -1.78 7.12 -2.90
N LEU A 19 -2.25 6.27 -2.00
CA LEU A 19 -1.51 5.69 -0.88
C LEU A 19 -0.78 4.42 -1.30
N CYS A 20 0.38 4.24 -0.69
CA CYS A 20 1.22 3.07 -0.83
C CYS A 20 0.62 1.93 0.00
N CYS A 21 0.35 0.80 -0.64
CA CYS A 21 0.01 -0.43 0.05
C CYS A 21 1.29 -1.03 0.65
N SER A 22 1.41 -1.12 1.98
CA SER A 22 2.61 -1.58 2.70
C SER A 22 2.91 -3.08 2.56
N GLN A 23 3.98 -3.52 3.22
CA GLN A 23 4.34 -4.92 3.48
C GLN A 23 3.17 -5.73 4.09
N TRP A 24 2.39 -5.06 4.95
CA TRP A 24 1.18 -5.58 5.61
C TRP A 24 -0.10 -5.40 4.77
N GLY A 25 0.06 -4.90 3.54
CA GLY A 25 -0.98 -4.58 2.57
C GLY A 25 -1.67 -3.23 2.78
N PHE A 26 -1.59 -2.62 3.97
CA PHE A 26 -2.36 -1.42 4.33
C PHE A 26 -1.94 -0.16 3.59
N CYS A 27 -2.90 0.72 3.29
CA CYS A 27 -2.66 2.04 2.70
C CYS A 27 -2.04 3.03 3.71
N GLY A 28 -1.04 3.79 3.25
CA GLY A 28 -0.40 4.91 3.94
C GLY A 28 0.78 5.48 3.17
N LEU A 29 1.61 6.33 3.80
CA LEU A 29 2.77 7.00 3.18
C LEU A 29 4.01 7.09 4.07
N GLY A 30 5.17 7.32 3.45
CA GLY A 30 6.50 7.29 4.06
C GLY A 30 7.19 5.95 3.82
N SER A 31 8.41 5.82 4.34
CA SER A 31 9.23 4.61 4.25
C SER A 31 8.58 3.37 4.88
N GLU A 32 7.50 3.53 5.64
CA GLU A 32 6.74 2.47 6.29
C GLU A 32 5.69 1.81 5.38
N PHE A 33 5.33 2.50 4.30
CA PHE A 33 4.33 2.07 3.33
C PHE A 33 4.93 1.99 1.92
N CYS A 34 5.64 3.03 1.49
CA CYS A 34 6.29 3.11 0.17
C CYS A 34 7.74 2.55 0.16
N GLY A 35 8.28 2.09 1.30
CA GLY A 35 9.68 1.64 1.38
C GLY A 35 9.90 0.22 0.86
N GLY A 36 10.09 0.08 -0.45
CA GLY A 36 10.53 -1.14 -1.14
C GLY A 36 9.43 -2.17 -1.38
N GLY A 37 8.84 -2.68 -0.31
CA GLY A 37 7.84 -3.76 -0.33
C GLY A 37 6.46 -3.40 -0.91
N CYS A 38 6.26 -2.15 -1.35
CA CYS A 38 4.97 -1.57 -1.71
C CYS A 38 4.26 -2.25 -2.89
N GLN A 39 2.97 -2.57 -2.71
CA GLN A 39 2.18 -3.24 -3.74
C GLN A 39 1.85 -2.33 -4.95
N SER A 40 1.38 -1.12 -4.65
CA SER A 40 0.80 -0.08 -5.52
C SER A 40 0.84 1.27 -4.81
N GLY A 41 0.37 2.35 -5.45
CA GLY A 41 0.24 3.69 -4.85
C GLY A 41 1.26 4.68 -5.38
N ALA A 42 1.75 5.58 -4.51
CA ALA A 42 2.90 6.45 -4.78
C ALA A 42 4.23 5.67 -4.67
N CYS A 43 4.21 4.39 -5.08
CA CYS A 43 5.28 3.41 -4.87
C CYS A 43 6.48 3.65 -5.81
N SER A 44 7.60 3.01 -5.48
CA SER A 44 8.87 3.12 -6.21
C SER A 44 8.94 2.31 -7.52
N THR A 45 8.14 1.22 -7.63
CA THR A 45 8.21 0.21 -8.70
C THR A 45 6.86 -0.44 -9.01
N ALA A 1 -5.80 7.97 8.67
CA ALA A 1 -6.33 7.09 7.62
C ALA A 1 -6.89 5.80 8.23
N MET A 2 -7.96 5.25 7.66
CA MET A 2 -8.58 4.00 8.09
C MET A 2 -7.66 2.79 7.83
N ASP A 3 -7.84 1.69 8.56
CA ASP A 3 -7.16 0.40 8.32
C ASP A 3 -7.73 -0.34 7.09
N ILE A 4 -7.63 0.29 5.92
CA ILE A 4 -7.92 -0.29 4.61
C ILE A 4 -6.68 -1.02 4.07
N LYS A 5 -6.86 -2.24 3.54
CA LYS A 5 -5.79 -3.05 2.94
C LYS A 5 -6.03 -3.42 1.47
N CYS A 6 -4.95 -3.75 0.78
CA CYS A 6 -4.81 -3.92 -0.66
C CYS A 6 -3.64 -4.87 -1.02
N GLY A 7 -3.25 -4.92 -2.30
CA GLY A 7 -2.16 -5.76 -2.78
C GLY A 7 -2.54 -7.22 -3.06
N SER A 8 -1.54 -8.08 -3.29
CA SER A 8 -1.67 -9.53 -3.42
C SER A 8 -2.43 -10.16 -2.23
N GLN A 9 -2.21 -9.63 -1.02
CA GLN A 9 -2.87 -10.01 0.23
C GLN A 9 -4.41 -9.89 0.17
N ALA A 10 -4.93 -8.97 -0.66
CA ALA A 10 -6.36 -8.71 -0.85
C ALA A 10 -6.92 -9.23 -2.19
N GLY A 11 -6.10 -9.89 -3.01
CA GLY A 11 -6.44 -10.30 -4.39
C GLY A 11 -6.14 -9.22 -5.45
N GLY A 12 -4.92 -8.66 -5.39
CA GLY A 12 -4.38 -7.76 -6.42
C GLY A 12 -4.91 -6.33 -6.38
N LYS A 13 -5.49 -5.89 -5.25
CA LYS A 13 -6.24 -4.63 -5.15
C LYS A 13 -5.33 -3.39 -5.12
N LEU A 14 -5.87 -2.27 -5.54
CA LEU A 14 -5.30 -0.92 -5.42
C LEU A 14 -6.00 -0.11 -4.30
N CYS A 15 -5.30 0.83 -3.68
CA CYS A 15 -5.88 1.77 -2.69
C CYS A 15 -6.92 2.71 -3.34
N PRO A 16 -7.89 3.28 -2.59
CA PRO A 16 -8.88 4.21 -3.15
C PRO A 16 -8.29 5.58 -3.57
N ASN A 17 -7.20 5.97 -2.90
CA ASN A 17 -6.31 7.12 -3.11
C ASN A 17 -4.88 6.62 -3.41
N ASN A 18 -3.92 7.45 -3.83
CA ASN A 18 -2.59 7.06 -4.30
C ASN A 18 -1.62 6.52 -3.21
N LEU A 19 -2.16 6.08 -2.08
CA LEU A 19 -1.46 5.51 -0.95
C LEU A 19 -0.75 4.21 -1.30
N CYS A 20 0.40 4.07 -0.65
CA CYS A 20 1.27 2.93 -0.77
C CYS A 20 0.73 1.77 0.06
N CYS A 21 0.48 0.63 -0.59
CA CYS A 21 0.15 -0.63 0.11
C CYS A 21 1.41 -1.21 0.79
N SER A 22 1.50 -1.17 2.12
CA SER A 22 2.66 -1.61 2.92
C SER A 22 3.00 -3.12 2.83
N GLN A 23 4.06 -3.55 3.52
CA GLN A 23 4.39 -4.97 3.75
C GLN A 23 3.18 -5.78 4.24
N TRP A 24 2.38 -5.16 5.11
CA TRP A 24 1.15 -5.71 5.72
C TRP A 24 -0.12 -5.42 4.93
N GLY A 25 0.03 -4.87 3.72
CA GLY A 25 -1.04 -4.59 2.76
C GLY A 25 -1.83 -3.31 3.02
N PHE A 26 -1.62 -2.59 4.13
CA PHE A 26 -2.41 -1.40 4.48
C PHE A 26 -1.98 -0.15 3.69
N CYS A 27 -2.94 0.72 3.34
CA CYS A 27 -2.68 2.00 2.68
C CYS A 27 -2.13 3.07 3.65
N GLY A 28 -1.08 3.75 3.22
CA GLY A 28 -0.45 4.90 3.89
C GLY A 28 0.75 5.47 3.12
N LEU A 29 1.56 6.33 3.74
CA LEU A 29 2.70 7.03 3.11
C LEU A 29 3.93 7.18 4.01
N GLY A 30 5.05 7.48 3.36
CA GLY A 30 6.40 7.46 3.93
C GLY A 30 7.06 6.08 3.80
N SER A 31 8.31 5.96 4.28
CA SER A 31 9.16 4.78 4.08
C SER A 31 8.57 3.49 4.68
N GLU A 32 7.57 3.58 5.56
CA GLU A 32 6.93 2.40 6.16
C GLU A 32 5.78 1.84 5.33
N PHE A 33 5.36 2.54 4.28
CA PHE A 33 4.37 2.11 3.29
C PHE A 33 4.93 2.05 1.87
N CYS A 34 5.75 3.04 1.47
CA CYS A 34 6.29 3.17 0.12
C CYS A 34 7.71 2.61 -0.04
N GLY A 35 8.40 2.23 1.05
CA GLY A 35 9.84 1.94 1.06
C GLY A 35 10.35 0.81 0.15
N GLY A 36 9.58 -0.27 -0.04
CA GLY A 36 10.05 -1.46 -0.76
C GLY A 36 8.96 -2.48 -1.06
N GLY A 37 8.24 -2.93 -0.04
CA GLY A 37 7.09 -3.83 -0.14
C GLY A 37 5.84 -3.25 -0.83
N CYS A 38 5.95 -2.06 -1.43
CA CYS A 38 4.90 -1.24 -2.02
C CYS A 38 4.25 -1.92 -3.24
N GLN A 39 3.07 -2.55 -3.04
CA GLN A 39 2.31 -3.20 -4.10
C GLN A 39 1.83 -2.22 -5.19
N SER A 40 1.30 -1.07 -4.74
CA SER A 40 0.72 0.00 -5.57
C SER A 40 0.75 1.31 -4.79
N GLY A 41 0.47 2.44 -5.46
CA GLY A 41 0.55 3.79 -4.91
C GLY A 41 1.85 4.52 -5.24
N ALA A 42 2.22 5.49 -4.40
CA ALA A 42 3.36 6.39 -4.56
C ALA A 42 4.73 5.75 -4.26
N CYS A 43 4.96 4.54 -4.78
CA CYS A 43 6.17 3.74 -4.58
C CYS A 43 7.45 4.46 -5.06
N SER A 44 8.62 3.97 -4.62
CA SER A 44 9.93 4.60 -4.87
C SER A 44 10.22 4.85 -6.36
N THR A 45 9.94 3.88 -7.24
CA THR A 45 10.07 3.99 -8.70
C THR A 45 8.72 4.11 -9.39
N ALA A 1 -14.21 0.22 11.60
CA ALA A 1 -12.74 0.24 11.73
C ALA A 1 -12.10 0.40 10.35
N MET A 2 -11.80 1.64 9.97
CA MET A 2 -11.23 2.04 8.67
C MET A 2 -9.73 1.68 8.55
N ASP A 3 -9.44 0.38 8.54
CA ASP A 3 -8.11 -0.25 8.43
C ASP A 3 -7.96 -0.85 7.02
N ILE A 4 -7.87 0.00 6.00
CA ILE A 4 -7.94 -0.43 4.59
C ILE A 4 -6.59 -0.97 4.08
N LYS A 5 -6.63 -2.12 3.37
CA LYS A 5 -5.47 -2.76 2.72
C LYS A 5 -5.63 -3.03 1.20
N CYS A 6 -4.54 -3.44 0.57
CA CYS A 6 -4.31 -3.53 -0.88
C CYS A 6 -3.28 -4.62 -1.23
N GLY A 7 -3.15 -4.92 -2.53
CA GLY A 7 -2.19 -5.85 -3.12
C GLY A 7 -2.56 -7.31 -2.90
N SER A 8 -1.56 -8.17 -2.70
CA SER A 8 -1.73 -9.61 -2.47
C SER A 8 -2.73 -9.93 -1.35
N GLN A 9 -2.66 -9.17 -0.25
CA GLN A 9 -3.54 -9.22 0.93
C GLN A 9 -4.99 -8.79 0.65
N ALA A 10 -5.26 -8.26 -0.54
CA ALA A 10 -6.59 -7.94 -1.07
C ALA A 10 -6.98 -8.76 -2.31
N GLY A 11 -6.12 -9.66 -2.81
CA GLY A 11 -6.34 -10.42 -4.06
C GLY A 11 -5.82 -9.74 -5.33
N GLY A 12 -4.93 -8.75 -5.20
CA GLY A 12 -4.32 -7.99 -6.30
C GLY A 12 -5.01 -6.65 -6.60
N LYS A 13 -5.60 -6.01 -5.59
CA LYS A 13 -6.45 -4.81 -5.69
C LYS A 13 -5.79 -3.55 -5.09
N LEU A 14 -5.96 -2.40 -5.74
CA LEU A 14 -5.42 -1.08 -5.36
C LEU A 14 -6.04 -0.46 -4.09
N CYS A 15 -5.43 0.60 -3.57
CA CYS A 15 -6.02 1.47 -2.54
C CYS A 15 -7.07 2.44 -3.16
N PRO A 16 -8.02 2.99 -2.38
CA PRO A 16 -9.03 3.94 -2.87
C PRO A 16 -8.50 5.35 -3.22
N ASN A 17 -7.23 5.57 -2.94
CA ASN A 17 -6.42 6.79 -3.08
C ASN A 17 -4.95 6.41 -3.37
N ASN A 18 -4.14 7.35 -3.85
CA ASN A 18 -2.76 7.16 -4.33
C ASN A 18 -1.74 6.68 -3.27
N LEU A 19 -2.19 6.41 -2.04
CA LEU A 19 -1.42 5.81 -0.96
C LEU A 19 -0.64 4.57 -1.38
N CYS A 20 0.56 4.50 -0.82
CA CYS A 20 1.41 3.33 -0.92
C CYS A 20 0.76 2.22 -0.11
N CYS A 21 0.53 1.09 -0.75
CA CYS A 21 0.11 -0.12 -0.07
C CYS A 21 1.36 -0.76 0.58
N SER A 22 1.40 -0.87 1.90
CA SER A 22 2.54 -1.43 2.65
C SER A 22 2.83 -2.90 2.30
N GLN A 23 3.92 -3.45 2.85
CA GLN A 23 4.25 -4.88 2.77
C GLN A 23 3.08 -5.76 3.23
N TRP A 24 2.48 -5.34 4.35
CA TRP A 24 1.29 -5.91 4.99
C TRP A 24 -0.02 -5.56 4.26
N GLY A 25 0.06 -4.75 3.21
CA GLY A 25 -1.03 -4.29 2.34
C GLY A 25 -1.69 -2.97 2.74
N PHE A 26 -1.57 -2.49 3.98
CA PHE A 26 -2.29 -1.31 4.46
C PHE A 26 -1.89 -0.01 3.73
N CYS A 27 -2.86 0.85 3.41
CA CYS A 27 -2.60 2.12 2.73
C CYS A 27 -1.96 3.16 3.68
N GLY A 28 -0.97 3.90 3.20
CA GLY A 28 -0.37 5.07 3.86
C GLY A 28 0.79 5.66 3.07
N LEU A 29 1.60 6.54 3.69
CA LEU A 29 2.76 7.21 3.06
C LEU A 29 3.97 7.36 4.00
N GLY A 30 5.14 7.59 3.41
CA GLY A 30 6.43 7.56 4.08
C GLY A 30 7.06 6.15 4.08
N SER A 31 8.25 6.03 4.65
CA SER A 31 9.06 4.80 4.60
C SER A 31 8.40 3.56 5.23
N GLU A 32 7.30 3.70 5.98
CA GLU A 32 6.59 2.52 6.52
C GLU A 32 5.61 1.88 5.52
N PHE A 33 5.25 2.62 4.47
CA PHE A 33 4.28 2.21 3.46
C PHE A 33 4.89 2.12 2.05
N CYS A 34 5.83 3.01 1.72
CA CYS A 34 6.51 3.05 0.41
C CYS A 34 7.95 2.45 0.44
N GLY A 35 8.44 2.03 1.61
CA GLY A 35 9.84 1.66 1.86
C GLY A 35 10.30 0.30 1.33
N GLY A 36 9.97 -0.04 0.08
CA GLY A 36 10.22 -1.35 -0.51
C GLY A 36 9.21 -2.40 -0.06
N GLY A 37 9.01 -3.41 -0.89
CA GLY A 37 7.94 -4.42 -0.73
C GLY A 37 6.52 -3.85 -0.79
N CYS A 38 6.34 -2.56 -1.04
CA CYS A 38 5.06 -1.93 -1.27
C CYS A 38 4.39 -2.47 -2.54
N GLN A 39 3.07 -2.66 -2.48
CA GLN A 39 2.27 -3.23 -3.56
C GLN A 39 2.06 -2.29 -4.76
N SER A 40 1.48 -1.11 -4.50
CA SER A 40 0.94 -0.16 -5.48
C SER A 40 0.88 1.25 -4.85
N GLY A 41 0.47 2.27 -5.62
CA GLY A 41 0.29 3.64 -5.16
C GLY A 41 1.47 4.56 -5.51
N ALA A 42 1.88 5.43 -4.57
CA ALA A 42 3.07 6.28 -4.70
C ALA A 42 4.40 5.51 -4.46
N CYS A 43 4.36 4.21 -4.73
CA CYS A 43 5.35 3.15 -4.48
C CYS A 43 6.40 3.05 -5.61
N SER A 44 7.38 2.15 -5.44
CA SER A 44 8.33 1.70 -6.46
C SER A 44 7.68 0.72 -7.44
N THR A 45 7.07 1.32 -8.45
CA THR A 45 6.29 0.70 -9.55
C THR A 45 7.12 0.26 -10.75
N ALA A 1 -8.79 7.22 9.97
CA ALA A 1 -9.33 6.51 8.79
C ALA A 1 -9.46 5.02 9.09
N MET A 2 -10.37 4.31 8.41
CA MET A 2 -10.48 2.85 8.56
C MET A 2 -9.30 2.08 7.94
N ASP A 3 -9.07 0.86 8.42
CA ASP A 3 -7.93 0.00 8.08
C ASP A 3 -8.14 -0.72 6.75
N ILE A 4 -8.02 0.02 5.65
CA ILE A 4 -8.01 -0.52 4.28
C ILE A 4 -6.68 -1.25 3.99
N LYS A 5 -6.78 -2.50 3.51
CA LYS A 5 -5.67 -3.29 2.95
C LYS A 5 -5.89 -3.66 1.47
N CYS A 6 -4.79 -3.91 0.78
CA CYS A 6 -4.68 -4.01 -0.68
C CYS A 6 -3.38 -4.76 -1.09
N GLY A 7 -3.05 -4.75 -2.38
CA GLY A 7 -1.90 -5.46 -2.96
C GLY A 7 -2.21 -6.90 -3.39
N SER A 8 -1.18 -7.67 -3.77
CA SER A 8 -1.32 -9.09 -4.13
C SER A 8 -1.83 -9.94 -2.96
N GLN A 9 -1.58 -9.53 -1.71
CA GLN A 9 -2.17 -10.13 -0.49
C GLN A 9 -3.72 -10.03 -0.44
N ALA A 10 -4.32 -9.16 -1.25
CA ALA A 10 -5.77 -9.03 -1.48
C ALA A 10 -6.15 -9.38 -2.94
N GLY A 11 -5.33 -10.16 -3.65
CA GLY A 11 -5.54 -10.56 -5.05
C GLY A 11 -5.21 -9.48 -6.10
N GLY A 12 -4.73 -8.30 -5.69
CA GLY A 12 -4.25 -7.23 -6.58
C GLY A 12 -4.94 -5.87 -6.43
N LYS A 13 -5.91 -5.73 -5.50
CA LYS A 13 -6.65 -4.47 -5.28
C LYS A 13 -5.73 -3.30 -4.92
N LEU A 14 -6.19 -2.09 -5.24
CA LEU A 14 -5.49 -0.81 -5.02
C LEU A 14 -6.08 -0.01 -3.85
N CYS A 15 -5.33 0.96 -3.33
CA CYS A 15 -5.87 1.98 -2.44
C CYS A 15 -6.77 2.95 -3.23
N PRO A 16 -7.85 3.51 -2.65
CA PRO A 16 -8.76 4.41 -3.37
C PRO A 16 -8.07 5.74 -3.73
N ASN A 17 -7.39 6.31 -2.73
CA ASN A 17 -6.39 7.39 -2.84
C ASN A 17 -5.02 6.78 -3.19
N ASN A 18 -4.07 7.58 -3.66
CA ASN A 18 -2.74 7.19 -4.11
C ASN A 18 -1.77 6.89 -2.94
N LEU A 19 -2.27 6.11 -1.99
CA LEU A 19 -1.53 5.55 -0.86
C LEU A 19 -0.79 4.28 -1.25
N CYS A 20 0.34 4.12 -0.61
CA CYS A 20 1.24 2.99 -0.75
C CYS A 20 0.67 1.80 0.03
N CYS A 21 0.37 0.72 -0.68
CA CYS A 21 0.01 -0.57 -0.10
C CYS A 21 1.28 -1.24 0.47
N SER A 22 1.45 -1.23 1.80
CA SER A 22 2.64 -1.68 2.52
C SER A 22 2.93 -3.20 2.41
N GLN A 23 4.02 -3.66 3.03
CA GLN A 23 4.37 -5.09 3.15
C GLN A 23 3.28 -5.94 3.81
N TRP A 24 2.60 -5.35 4.79
CA TRP A 24 1.44 -5.90 5.50
C TRP A 24 0.11 -5.67 4.75
N GLY A 25 0.16 -4.92 3.65
CA GLY A 25 -0.93 -4.66 2.72
C GLY A 25 -1.72 -3.37 2.97
N PHE A 26 -1.52 -2.66 4.08
CA PHE A 26 -2.33 -1.48 4.45
C PHE A 26 -1.92 -0.21 3.70
N CYS A 27 -2.88 0.69 3.48
CA CYS A 27 -2.64 2.00 2.87
C CYS A 27 -1.99 3.02 3.83
N GLY A 28 -1.05 3.80 3.30
CA GLY A 28 -0.45 4.97 3.93
C GLY A 28 0.69 5.59 3.12
N LEU A 29 1.44 6.54 3.70
CA LEU A 29 2.54 7.26 3.03
C LEU A 29 3.77 7.46 3.91
N GLY A 30 4.90 7.65 3.22
CA GLY A 30 6.23 7.67 3.80
C GLY A 30 6.88 6.29 3.72
N SER A 31 8.15 6.20 4.14
CA SER A 31 8.96 4.98 4.05
C SER A 31 8.44 3.82 4.93
N GLU A 32 7.41 4.04 5.75
CA GLU A 32 6.72 2.98 6.50
C GLU A 32 5.67 2.22 5.67
N PHE A 33 5.29 2.75 4.50
CA PHE A 33 4.33 2.16 3.58
C PHE A 33 4.95 1.95 2.19
N CYS A 34 5.55 3.01 1.62
CA CYS A 34 6.24 2.93 0.34
C CYS A 34 7.69 2.41 0.42
N GLY A 35 8.31 2.31 1.61
CA GLY A 35 9.75 2.04 1.73
C GLY A 35 10.15 0.57 1.77
N GLY A 36 9.95 -0.13 0.67
CA GLY A 36 10.21 -1.56 0.52
C GLY A 36 8.92 -2.37 0.44
N GLY A 37 8.83 -3.28 -0.53
CA GLY A 37 7.67 -4.16 -0.74
C GLY A 37 6.35 -3.45 -1.13
N CYS A 38 6.40 -2.19 -1.57
CA CYS A 38 5.23 -1.41 -2.02
C CYS A 38 4.51 -2.07 -3.20
N GLN A 39 3.33 -2.64 -2.95
CA GLN A 39 2.52 -3.37 -3.94
C GLN A 39 1.96 -2.48 -5.06
N SER A 40 1.36 -1.36 -4.65
CA SER A 40 0.59 -0.37 -5.42
C SER A 40 0.63 0.96 -4.67
N GLY A 41 0.35 2.07 -5.35
CA GLY A 41 0.45 3.43 -4.81
C GLY A 41 1.66 4.18 -5.35
N ALA A 42 2.21 5.11 -4.56
CA ALA A 42 3.27 6.02 -4.98
C ALA A 42 4.69 5.36 -4.95
N CYS A 43 4.78 4.07 -5.30
CA CYS A 43 5.98 3.24 -5.27
C CYS A 43 7.03 3.69 -6.30
N SER A 44 8.32 3.58 -5.98
CA SER A 44 9.41 4.08 -6.84
C SER A 44 9.84 3.16 -7.99
N THR A 45 9.86 1.83 -7.82
CA THR A 45 10.39 0.87 -8.82
C THR A 45 9.55 -0.39 -8.94
N ALA A 1 -10.83 6.69 4.62
CA ALA A 1 -11.13 5.74 5.70
C ALA A 1 -9.87 4.98 6.12
N MET A 2 -9.73 4.69 7.42
CA MET A 2 -8.55 4.03 8.00
C MET A 2 -8.49 2.51 7.75
N ASP A 3 -7.27 1.97 7.82
CA ASP A 3 -6.95 0.54 7.86
C ASP A 3 -7.45 -0.27 6.65
N ILE A 4 -7.34 0.32 5.46
CA ILE A 4 -7.56 -0.39 4.18
C ILE A 4 -6.28 -1.12 3.78
N LYS A 5 -6.38 -2.36 3.28
CA LYS A 5 -5.25 -3.13 2.70
C LYS A 5 -5.48 -3.54 1.24
N CYS A 6 -4.39 -3.78 0.51
CA CYS A 6 -4.38 -3.92 -0.95
C CYS A 6 -3.23 -4.80 -1.50
N GLY A 7 -3.32 -5.14 -2.80
CA GLY A 7 -2.38 -6.01 -3.51
C GLY A 7 -2.73 -7.49 -3.33
N SER A 8 -1.73 -8.38 -3.34
CA SER A 8 -1.92 -9.82 -3.10
C SER A 8 -2.46 -10.13 -1.69
N GLN A 9 -2.21 -9.22 -0.72
CA GLN A 9 -2.80 -9.19 0.62
C GLN A 9 -4.32 -8.91 0.63
N ALA A 10 -4.88 -8.50 -0.51
CA ALA A 10 -6.30 -8.33 -0.79
C ALA A 10 -6.71 -8.99 -2.14
N GLY A 11 -6.00 -10.05 -2.55
CA GLY A 11 -6.29 -10.83 -3.76
C GLY A 11 -6.10 -10.13 -5.11
N GLY A 12 -5.66 -8.85 -5.14
CA GLY A 12 -5.36 -8.11 -6.38
C GLY A 12 -5.79 -6.63 -6.43
N LYS A 13 -6.47 -6.11 -5.40
CA LYS A 13 -7.15 -4.79 -5.44
C LYS A 13 -6.33 -3.67 -4.79
N LEU A 14 -6.46 -2.45 -5.30
CA LEU A 14 -5.70 -1.26 -4.88
C LEU A 14 -6.36 -0.46 -3.73
N CYS A 15 -5.67 0.60 -3.26
CA CYS A 15 -6.24 1.63 -2.38
C CYS A 15 -7.21 2.54 -3.18
N PRO A 16 -8.14 3.28 -2.54
CA PRO A 16 -8.99 4.25 -3.23
C PRO A 16 -8.26 5.52 -3.76
N ASN A 17 -7.00 5.69 -3.34
CA ASN A 17 -6.09 6.82 -3.53
C ASN A 17 -4.65 6.33 -3.76
N ASN A 18 -3.71 7.20 -4.16
CA ASN A 18 -2.31 6.93 -4.48
C ASN A 18 -1.42 6.57 -3.26
N LEU A 19 -2.05 6.15 -2.16
CA LEU A 19 -1.38 5.62 -0.97
C LEU A 19 -0.65 4.33 -1.27
N CYS A 20 0.51 4.22 -0.63
CA CYS A 20 1.43 3.12 -0.76
C CYS A 20 0.87 1.91 0.00
N CYS A 21 0.60 0.80 -0.70
CA CYS A 21 0.25 -0.48 -0.07
C CYS A 21 1.49 -1.12 0.59
N SER A 22 1.56 -1.12 1.92
CA SER A 22 2.74 -1.49 2.71
C SER A 22 3.21 -2.95 2.62
N GLN A 23 4.27 -3.26 3.38
CA GLN A 23 4.74 -4.63 3.64
C GLN A 23 3.61 -5.53 4.16
N TRP A 24 2.78 -4.98 5.04
CA TRP A 24 1.56 -5.59 5.58
C TRP A 24 0.31 -5.38 4.70
N GLY A 25 0.48 -4.73 3.54
CA GLY A 25 -0.53 -4.43 2.54
C GLY A 25 -1.36 -3.17 2.81
N PHE A 26 -1.22 -2.50 3.96
CA PHE A 26 -2.08 -1.36 4.34
C PHE A 26 -1.73 -0.06 3.60
N CYS A 27 -2.74 0.79 3.33
CA CYS A 27 -2.55 2.10 2.70
C CYS A 27 -1.97 3.13 3.68
N GLY A 28 -0.98 3.90 3.20
CA GLY A 28 -0.43 5.07 3.88
C GLY A 28 0.77 5.67 3.13
N LEU A 29 1.56 6.52 3.78
CA LEU A 29 2.73 7.21 3.19
C LEU A 29 3.94 7.29 4.12
N GLY A 30 5.12 7.42 3.50
CA GLY A 30 6.42 7.42 4.16
C GLY A 30 7.08 6.04 4.18
N SER A 31 8.22 5.95 4.86
CA SER A 31 9.10 4.77 4.92
C SER A 31 8.46 3.52 5.52
N GLU A 32 7.24 3.59 6.09
CA GLU A 32 6.53 2.39 6.58
C GLU A 32 5.53 1.81 5.58
N PHE A 33 5.12 2.60 4.58
CA PHE A 33 4.12 2.23 3.59
C PHE A 33 4.72 2.13 2.18
N CYS A 34 5.54 3.10 1.77
CA CYS A 34 6.29 3.04 0.51
C CYS A 34 7.66 2.37 0.63
N GLY A 35 8.20 2.18 1.84
CA GLY A 35 9.56 1.68 2.06
C GLY A 35 9.68 0.16 1.95
N GLY A 36 9.83 -0.33 0.72
CA GLY A 36 9.83 -1.76 0.38
C GLY A 36 8.44 -2.39 0.33
N GLY A 37 8.27 -3.45 -0.47
CA GLY A 37 6.99 -4.15 -0.63
C GLY A 37 5.84 -3.36 -1.26
N CYS A 38 6.04 -2.10 -1.68
CA CYS A 38 4.98 -1.20 -2.13
C CYS A 38 4.22 -1.73 -3.36
N GLN A 39 2.98 -2.21 -3.16
CA GLN A 39 2.19 -2.87 -4.21
C GLN A 39 1.67 -1.91 -5.29
N SER A 40 1.08 -0.81 -4.84
CA SER A 40 0.43 0.27 -5.59
C SER A 40 0.57 1.58 -4.82
N GLY A 41 0.29 2.69 -5.49
CA GLY A 41 0.42 4.05 -4.96
C GLY A 41 1.74 4.73 -5.31
N ALA A 42 2.28 5.54 -4.40
CA ALA A 42 3.40 6.45 -4.66
C ALA A 42 4.81 5.77 -4.64
N CYS A 43 4.88 4.50 -5.00
CA CYS A 43 6.07 3.64 -4.91
C CYS A 43 7.28 4.16 -5.72
N SER A 44 8.49 3.84 -5.27
CA SER A 44 9.72 4.07 -6.05
C SER A 44 10.02 2.95 -7.07
N THR A 45 9.38 1.78 -6.90
CA THR A 45 9.56 0.54 -7.66
C THR A 45 8.24 -0.18 -7.89
N ALA A 1 -8.66 7.38 10.80
CA ALA A 1 -8.15 7.01 9.46
C ALA A 1 -8.44 5.54 9.20
N MET A 2 -9.12 5.23 8.09
CA MET A 2 -9.64 3.88 7.81
C MET A 2 -8.53 2.87 7.48
N ASP A 3 -8.59 1.70 8.12
CA ASP A 3 -7.60 0.62 8.00
C ASP A 3 -7.88 -0.28 6.79
N ILE A 4 -7.69 0.28 5.60
CA ILE A 4 -7.85 -0.40 4.31
C ILE A 4 -6.57 -1.16 3.92
N LYS A 5 -6.71 -2.39 3.43
CA LYS A 5 -5.62 -3.22 2.87
C LYS A 5 -5.79 -3.57 1.38
N CYS A 6 -4.68 -3.87 0.71
CA CYS A 6 -4.57 -3.99 -0.75
C CYS A 6 -3.37 -4.84 -1.24
N GLY A 7 -3.34 -5.08 -2.55
CA GLY A 7 -2.35 -5.89 -3.26
C GLY A 7 -2.61 -7.38 -3.18
N SER A 8 -1.55 -8.19 -3.14
CA SER A 8 -1.62 -9.66 -3.07
C SER A 8 -2.51 -10.16 -1.92
N GLN A 9 -2.42 -9.52 -0.75
CA GLN A 9 -3.21 -9.86 0.44
C GLN A 9 -4.72 -9.69 0.27
N ALA A 10 -5.18 -8.95 -0.75
CA ALA A 10 -6.59 -8.65 -1.04
C ALA A 10 -7.07 -9.16 -2.43
N GLY A 11 -6.21 -9.88 -3.17
CA GLY A 11 -6.50 -10.38 -4.52
C GLY A 11 -6.23 -9.37 -5.66
N GLY A 12 -5.35 -8.39 -5.45
CA GLY A 12 -4.83 -7.50 -6.50
C GLY A 12 -5.44 -6.10 -6.58
N LYS A 13 -6.39 -5.77 -5.70
CA LYS A 13 -7.02 -4.44 -5.60
C LYS A 13 -6.03 -3.45 -4.98
N LEU A 14 -5.98 -2.22 -5.48
CA LEU A 14 -5.07 -1.15 -5.05
C LEU A 14 -5.70 -0.30 -3.93
N CYS A 15 -4.96 0.67 -3.38
CA CYS A 15 -5.54 1.70 -2.52
C CYS A 15 -6.51 2.60 -3.34
N PRO A 16 -7.63 3.08 -2.74
CA PRO A 16 -8.57 3.96 -3.44
C PRO A 16 -7.94 5.31 -3.79
N ASN A 17 -7.36 5.95 -2.77
CA ASN A 17 -6.45 7.10 -2.83
C ASN A 17 -5.03 6.66 -3.21
N ASN A 18 -4.13 7.60 -3.52
CA ASN A 18 -2.77 7.37 -3.98
C ASN A 18 -1.78 6.94 -2.87
N LEU A 19 -2.23 6.04 -1.99
CA LEU A 19 -1.48 5.45 -0.88
C LEU A 19 -0.71 4.21 -1.31
N CYS A 20 0.40 4.03 -0.60
CA CYS A 20 1.30 2.91 -0.71
C CYS A 20 0.78 1.73 0.13
N CYS A 21 0.52 0.60 -0.52
CA CYS A 21 0.17 -0.65 0.16
C CYS A 21 1.41 -1.30 0.83
N SER A 22 1.51 -1.23 2.16
CA SER A 22 2.64 -1.75 2.97
C SER A 22 2.85 -3.28 2.94
N GLN A 23 3.87 -3.80 3.65
CA GLN A 23 4.17 -5.24 3.81
C GLN A 23 2.95 -6.07 4.25
N TRP A 24 2.17 -5.54 5.20
CA TRP A 24 0.91 -6.12 5.70
C TRP A 24 -0.33 -5.72 4.87
N GLY A 25 -0.11 -5.20 3.68
CA GLY A 25 -1.13 -4.78 2.71
C GLY A 25 -1.78 -3.42 3.01
N PHE A 26 -1.69 -2.87 4.21
CA PHE A 26 -2.38 -1.64 4.61
C PHE A 26 -1.86 -0.37 3.90
N CYS A 27 -2.77 0.51 3.50
CA CYS A 27 -2.49 1.80 2.86
C CYS A 27 -1.89 2.84 3.82
N GLY A 28 -0.96 3.64 3.30
CA GLY A 28 -0.39 4.83 3.93
C GLY A 28 0.74 5.49 3.11
N LEU A 29 1.49 6.41 3.71
CA LEU A 29 2.51 7.22 3.02
C LEU A 29 3.80 7.39 3.83
N GLY A 30 4.89 7.68 3.12
CA GLY A 30 6.22 7.87 3.69
C GLY A 30 7.08 6.62 3.56
N SER A 31 8.34 6.73 3.98
CA SER A 31 9.39 5.70 3.91
C SER A 31 9.13 4.43 4.75
N GLU A 32 7.90 4.24 5.26
CA GLU A 32 7.46 3.05 5.98
C GLU A 32 6.46 2.22 5.16
N PHE A 33 5.55 2.88 4.42
CA PHE A 33 4.59 2.26 3.52
C PHE A 33 5.15 2.15 2.08
N CYS A 34 5.83 3.18 1.61
CA CYS A 34 6.27 3.30 0.21
C CYS A 34 7.66 2.70 -0.06
N GLY A 35 8.49 2.53 0.98
CA GLY A 35 9.91 2.16 0.86
C GLY A 35 10.24 0.67 0.90
N GLY A 36 9.25 -0.16 1.19
CA GLY A 36 9.39 -1.62 1.28
C GLY A 36 8.05 -2.33 1.14
N GLY A 37 8.01 -3.34 0.26
CA GLY A 37 6.81 -4.13 -0.03
C GLY A 37 5.67 -3.40 -0.72
N CYS A 38 5.92 -2.22 -1.32
CA CYS A 38 4.88 -1.35 -1.87
C CYS A 38 4.18 -1.95 -3.10
N GLN A 39 3.01 -2.56 -2.90
CA GLN A 39 2.22 -3.25 -3.94
C GLN A 39 1.83 -2.33 -5.12
N SER A 40 1.42 -1.11 -4.80
CA SER A 40 0.98 -0.03 -5.69
C SER A 40 0.97 1.29 -4.90
N GLY A 41 0.83 2.40 -5.61
CA GLY A 41 0.72 3.76 -5.07
C GLY A 41 1.98 4.60 -5.27
N ALA A 42 2.23 5.50 -4.33
CA ALA A 42 3.32 6.49 -4.39
C ALA A 42 4.72 5.91 -4.05
N CYS A 43 4.98 4.67 -4.48
CA CYS A 43 6.16 3.86 -4.10
C CYS A 43 7.50 4.55 -4.42
N SER A 44 8.49 4.37 -3.54
CA SER A 44 9.76 5.10 -3.55
C SER A 44 10.72 4.75 -4.71
N THR A 45 10.50 3.59 -5.36
CA THR A 45 11.18 3.19 -6.61
C THR A 45 10.16 2.99 -7.73
N ALA A 1 -12.51 2.21 9.87
CA ALA A 1 -11.98 3.32 9.03
C ALA A 1 -10.53 3.58 9.39
N MET A 2 -9.73 4.09 8.44
CA MET A 2 -8.28 4.24 8.53
C MET A 2 -7.56 2.90 8.78
N ASP A 3 -8.11 1.80 8.25
CA ASP A 3 -7.62 0.43 8.47
C ASP A 3 -7.92 -0.53 7.31
N ILE A 4 -7.99 0.02 6.10
CA ILE A 4 -8.14 -0.69 4.81
C ILE A 4 -6.81 -1.28 4.31
N LYS A 5 -6.88 -2.37 3.54
CA LYS A 5 -5.73 -3.03 2.88
C LYS A 5 -6.00 -3.46 1.43
N CYS A 6 -4.93 -3.62 0.67
CA CYS A 6 -4.83 -3.81 -0.78
C CYS A 6 -3.65 -4.74 -1.12
N GLY A 7 -3.25 -4.84 -2.40
CA GLY A 7 -2.19 -5.77 -2.84
C GLY A 7 -2.61 -7.24 -2.84
N SER A 8 -1.64 -8.16 -2.80
CA SER A 8 -1.88 -9.61 -2.74
C SER A 8 -2.68 -10.02 -1.49
N GLN A 9 -2.48 -9.30 -0.38
CA GLN A 9 -3.24 -9.35 0.88
C GLN A 9 -4.75 -9.03 0.73
N ALA A 10 -5.19 -8.56 -0.45
CA ALA A 10 -6.58 -8.24 -0.77
C ALA A 10 -7.05 -8.74 -2.14
N GLY A 11 -6.29 -9.61 -2.82
CA GLY A 11 -6.62 -10.10 -4.17
C GLY A 11 -6.12 -9.23 -5.32
N GLY A 12 -4.95 -8.59 -5.17
CA GLY A 12 -4.23 -7.90 -6.24
C GLY A 12 -4.75 -6.49 -6.56
N LYS A 13 -5.33 -5.80 -5.58
CA LYS A 13 -6.03 -4.51 -5.76
C LYS A 13 -5.16 -3.30 -5.43
N LEU A 14 -5.58 -2.10 -5.84
CA LEU A 14 -4.97 -0.80 -5.52
C LEU A 14 -5.60 -0.14 -4.26
N CYS A 15 -4.96 0.87 -3.67
CA CYS A 15 -5.61 1.73 -2.67
C CYS A 15 -6.71 2.59 -3.35
N PRO A 16 -7.75 3.05 -2.60
CA PRO A 16 -8.80 3.91 -3.15
C PRO A 16 -8.22 5.27 -3.60
N ASN A 17 -7.47 5.90 -2.69
CA ASN A 17 -6.58 7.06 -2.86
C ASN A 17 -5.15 6.61 -3.24
N ASN A 18 -4.25 7.50 -3.65
CA ASN A 18 -2.88 7.21 -4.09
C ASN A 18 -1.90 6.86 -2.94
N LEU A 19 -2.41 6.14 -1.93
CA LEU A 19 -1.62 5.61 -0.83
C LEU A 19 -0.83 4.38 -1.26
N CYS A 20 0.30 4.20 -0.60
CA CYS A 20 1.20 3.08 -0.77
C CYS A 20 0.62 1.87 -0.02
N CYS A 21 0.36 0.79 -0.75
CA CYS A 21 0.01 -0.52 -0.22
C CYS A 21 1.27 -1.21 0.38
N SER A 22 1.40 -1.22 1.71
CA SER A 22 2.62 -1.62 2.43
C SER A 22 3.00 -3.11 2.35
N GLN A 23 4.10 -3.48 3.03
CA GLN A 23 4.53 -4.86 3.32
C GLN A 23 3.41 -5.76 3.88
N TRP A 24 2.52 -5.14 4.67
CA TRP A 24 1.35 -5.76 5.30
C TRP A 24 0.04 -5.53 4.52
N GLY A 25 0.14 -4.88 3.36
CA GLY A 25 -0.96 -4.56 2.45
C GLY A 25 -1.77 -3.31 2.80
N PHE A 26 -1.59 -2.69 3.97
CA PHE A 26 -2.35 -1.50 4.37
C PHE A 26 -1.99 -0.24 3.57
N CYS A 27 -2.97 0.64 3.36
CA CYS A 27 -2.72 1.96 2.77
C CYS A 27 -2.10 2.94 3.78
N GLY A 28 -1.11 3.70 3.30
CA GLY A 28 -0.48 4.82 4.03
C GLY A 28 0.70 5.42 3.26
N LEU A 29 1.51 6.27 3.93
CA LEU A 29 2.63 7.00 3.32
C LEU A 29 3.89 7.12 4.18
N GLY A 30 4.98 7.51 3.51
CA GLY A 30 6.34 7.51 4.00
C GLY A 30 7.03 6.17 3.69
N SER A 31 8.33 6.08 3.98
CA SER A 31 9.14 4.89 3.68
C SER A 31 8.60 3.59 4.33
N GLU A 32 7.72 3.69 5.32
CA GLU A 32 7.10 2.53 5.97
C GLU A 32 6.11 1.78 5.06
N PHE A 33 5.43 2.53 4.19
CA PHE A 33 4.43 2.04 3.24
C PHE A 33 4.97 2.02 1.81
N CYS A 34 5.82 2.99 1.48
CA CYS A 34 6.31 3.22 0.11
C CYS A 34 7.75 2.71 -0.14
N GLY A 35 8.57 2.55 0.92
CA GLY A 35 10.02 2.35 0.78
C GLY A 35 10.55 0.94 0.58
N GLY A 36 9.76 -0.06 0.94
CA GLY A 36 10.07 -1.47 0.77
C GLY A 36 8.79 -2.30 0.80
N GLY A 37 8.75 -3.34 -0.04
CA GLY A 37 7.57 -4.20 -0.22
C GLY A 37 6.32 -3.50 -0.78
N CYS A 38 6.42 -2.28 -1.29
CA CYS A 38 5.27 -1.50 -1.77
C CYS A 38 4.61 -2.16 -2.98
N GLN A 39 3.35 -2.57 -2.85
CA GLN A 39 2.58 -3.20 -3.93
C GLN A 39 2.22 -2.24 -5.06
N SER A 40 1.65 -1.10 -4.67
CA SER A 40 0.98 -0.11 -5.51
C SER A 40 0.92 1.25 -4.80
N GLY A 41 0.69 2.34 -5.56
CA GLY A 41 0.54 3.70 -5.03
C GLY A 41 1.78 4.55 -5.22
N ALA A 42 2.01 5.50 -4.30
CA ALA A 42 3.11 6.47 -4.37
C ALA A 42 4.50 5.88 -3.97
N CYS A 43 4.80 4.65 -4.40
CA CYS A 43 5.99 3.90 -4.01
C CYS A 43 7.31 4.68 -4.27
N SER A 44 8.35 4.43 -3.46
CA SER A 44 9.60 5.21 -3.47
C SER A 44 10.56 4.89 -4.63
N THR A 45 10.33 3.79 -5.37
CA THR A 45 11.10 3.39 -6.57
C THR A 45 10.18 3.20 -7.77
N ALA A 1 -3.15 6.13 10.76
CA ALA A 1 -3.64 5.50 9.52
C ALA A 1 -4.94 4.74 9.77
N MET A 2 -5.82 4.65 8.77
CA MET A 2 -7.22 4.18 8.91
C MET A 2 -7.46 2.68 8.62
N ASP A 3 -6.41 1.86 8.62
CA ASP A 3 -6.46 0.39 8.46
C ASP A 3 -7.22 -0.16 7.23
N ILE A 4 -7.28 0.59 6.13
CA ILE A 4 -7.74 0.08 4.84
C ILE A 4 -6.64 -0.80 4.24
N LYS A 5 -7.02 -2.03 3.82
CA LYS A 5 -6.12 -3.01 3.18
C LYS A 5 -6.35 -3.16 1.67
N CYS A 6 -5.30 -3.62 0.97
CA CYS A 6 -5.13 -3.63 -0.48
C CYS A 6 -3.97 -4.56 -0.90
N GLY A 7 -3.53 -4.49 -2.17
CA GLY A 7 -2.39 -5.26 -2.67
C GLY A 7 -2.70 -6.76 -2.82
N SER A 8 -1.66 -7.60 -2.85
CA SER A 8 -1.82 -9.06 -2.99
C SER A 8 -2.64 -9.69 -1.85
N GLN A 9 -2.60 -9.10 -0.64
CA GLN A 9 -3.47 -9.46 0.48
C GLN A 9 -4.98 -9.34 0.18
N ALA A 10 -5.37 -8.57 -0.84
CA ALA A 10 -6.75 -8.30 -1.25
C ALA A 10 -7.02 -8.73 -2.71
N GLY A 11 -6.26 -9.69 -3.24
CA GLY A 11 -6.40 -10.15 -4.63
C GLY A 11 -5.78 -9.23 -5.68
N GLY A 12 -4.85 -8.35 -5.26
CA GLY A 12 -4.02 -7.54 -6.15
C GLY A 12 -4.61 -6.20 -6.56
N LYS A 13 -5.42 -5.56 -5.70
CA LYS A 13 -6.15 -4.32 -6.00
C LYS A 13 -5.49 -3.08 -5.39
N LEU A 14 -5.59 -1.95 -6.09
CA LEU A 14 -5.08 -0.66 -5.64
C LEU A 14 -5.96 -0.04 -4.53
N CYS A 15 -5.38 0.83 -3.70
CA CYS A 15 -6.07 1.68 -2.72
C CYS A 15 -7.15 2.59 -3.37
N PRO A 16 -8.14 3.12 -2.60
CA PRO A 16 -9.16 4.08 -3.09
C PRO A 16 -8.62 5.51 -3.35
N ASN A 17 -7.37 5.72 -2.96
CA ASN A 17 -6.52 6.90 -3.09
C ASN A 17 -5.08 6.46 -3.44
N ASN A 18 -4.18 7.39 -3.78
CA ASN A 18 -2.85 7.10 -4.28
C ASN A 18 -1.86 6.49 -3.26
N LEU A 19 -2.32 6.22 -2.03
CA LEU A 19 -1.58 5.59 -0.94
C LEU A 19 -0.83 4.31 -1.34
N CYS A 20 0.35 4.19 -0.72
CA CYS A 20 1.25 3.08 -0.81
C CYS A 20 0.68 1.90 -0.02
N CYS A 21 0.43 0.79 -0.67
CA CYS A 21 0.11 -0.49 -0.02
C CYS A 21 1.40 -1.09 0.55
N SER A 22 1.54 -1.11 1.87
CA SER A 22 2.72 -1.63 2.59
C SER A 22 2.97 -3.12 2.40
N GLN A 23 4.11 -3.62 2.87
CA GLN A 23 4.42 -5.06 2.96
C GLN A 23 3.26 -5.87 3.54
N TRP A 24 2.67 -5.35 4.62
CA TRP A 24 1.57 -5.89 5.40
C TRP A 24 0.19 -5.77 4.72
N GLY A 25 0.12 -5.08 3.58
CA GLY A 25 -1.08 -4.91 2.75
C GLY A 25 -1.92 -3.69 3.08
N PHE A 26 -1.44 -2.70 3.84
CA PHE A 26 -2.23 -1.52 4.24
C PHE A 26 -1.86 -0.24 3.49
N CYS A 27 -2.87 0.57 3.14
CA CYS A 27 -2.67 1.90 2.58
C CYS A 27 -2.05 2.88 3.60
N GLY A 28 -1.08 3.66 3.17
CA GLY A 28 -0.47 4.80 3.89
C GLY A 28 0.67 5.44 3.11
N LEU A 29 1.49 6.30 3.74
CA LEU A 29 2.53 7.10 3.08
C LEU A 29 3.83 7.24 3.87
N GLY A 30 4.92 7.43 3.13
CA GLY A 30 6.27 7.55 3.64
C GLY A 30 7.01 6.22 3.67
N SER A 31 8.25 6.25 4.17
CA SER A 31 9.17 5.12 4.17
C SER A 31 8.74 3.92 5.03
N GLU A 32 7.59 3.97 5.70
CA GLU A 32 7.01 2.81 6.42
C GLU A 32 5.94 2.07 5.58
N PHE A 33 5.44 2.69 4.50
CA PHE A 33 4.45 2.13 3.58
C PHE A 33 4.99 1.98 2.15
N CYS A 34 5.67 3.01 1.63
CA CYS A 34 6.33 2.96 0.33
C CYS A 34 7.76 2.37 0.36
N GLY A 35 8.32 2.09 1.54
CA GLY A 35 9.72 1.74 1.77
C GLY A 35 10.14 0.36 1.24
N GLY A 36 10.48 0.31 -0.04
CA GLY A 36 11.11 -0.84 -0.72
C GLY A 36 10.22 -2.07 -1.02
N GLY A 37 9.21 -2.31 -0.19
CA GLY A 37 8.26 -3.43 -0.27
C GLY A 37 6.84 -3.06 -0.74
N CYS A 38 6.66 -1.88 -1.32
CA CYS A 38 5.39 -1.29 -1.74
C CYS A 38 4.67 -2.15 -2.80
N GLN A 39 3.54 -2.74 -2.45
CA GLN A 39 2.72 -3.58 -3.32
C GLN A 39 2.16 -2.81 -4.55
N SER A 40 1.60 -1.62 -4.27
CA SER A 40 0.79 -0.75 -5.14
C SER A 40 0.81 0.69 -4.60
N GLY A 41 0.45 1.68 -5.41
CA GLY A 41 0.34 3.08 -4.98
C GLY A 41 1.50 3.98 -5.41
N ALA A 42 1.90 4.93 -4.54
CA ALA A 42 2.92 5.94 -4.84
C ALA A 42 4.38 5.42 -4.81
N CYS A 43 4.58 4.13 -5.10
CA CYS A 43 5.84 3.42 -4.94
C CYS A 43 7.00 4.04 -5.71
N SER A 44 8.20 3.97 -5.15
CA SER A 44 9.46 4.29 -5.85
C SER A 44 9.71 3.28 -6.99
N THR A 45 9.37 2.00 -6.75
CA THR A 45 9.34 0.94 -7.77
C THR A 45 7.97 0.90 -8.46
N ALA A 1 -4.59 8.17 7.22
CA ALA A 1 -4.86 7.00 6.36
C ALA A 1 -5.78 6.00 7.06
N MET A 2 -6.83 5.55 6.36
CA MET A 2 -7.73 4.49 6.82
C MET A 2 -7.07 3.10 6.82
N ASP A 3 -7.52 2.19 7.69
CA ASP A 3 -6.98 0.83 7.83
C ASP A 3 -7.58 -0.11 6.76
N ILE A 4 -7.33 0.18 5.48
CA ILE A 4 -7.73 -0.65 4.34
C ILE A 4 -6.50 -1.39 3.79
N LYS A 5 -6.64 -2.70 3.50
CA LYS A 5 -5.57 -3.54 2.93
C LYS A 5 -5.77 -3.85 1.43
N CYS A 6 -4.65 -4.05 0.73
CA CYS A 6 -4.57 -4.08 -0.74
C CYS A 6 -3.40 -4.90 -1.30
N GLY A 7 -3.38 -5.07 -2.63
CA GLY A 7 -2.40 -5.87 -3.37
C GLY A 7 -2.62 -7.37 -3.16
N SER A 8 -1.54 -8.12 -2.98
CA SER A 8 -1.53 -9.55 -2.63
C SER A 8 -2.49 -9.90 -1.50
N GLN A 9 -2.57 -9.05 -0.48
CA GLN A 9 -3.41 -9.15 0.71
C GLN A 9 -4.92 -9.07 0.42
N ALA A 10 -5.30 -8.65 -0.79
CA ALA A 10 -6.67 -8.44 -1.27
C ALA A 10 -6.95 -9.02 -2.68
N GLY A 11 -6.08 -9.88 -3.21
CA GLY A 11 -6.23 -10.50 -4.54
C GLY A 11 -5.86 -9.62 -5.74
N GLY A 12 -5.09 -8.55 -5.51
CA GLY A 12 -4.55 -7.65 -6.55
C GLY A 12 -5.19 -6.26 -6.61
N LYS A 13 -6.12 -5.93 -5.70
CA LYS A 13 -6.87 -4.68 -5.67
C LYS A 13 -6.10 -3.56 -4.98
N LEU A 14 -6.11 -2.36 -5.56
CA LEU A 14 -5.30 -1.20 -5.15
C LEU A 14 -6.01 -0.30 -4.11
N CYS A 15 -5.31 0.73 -3.61
CA CYS A 15 -5.89 1.75 -2.73
C CYS A 15 -6.85 2.70 -3.48
N PRO A 16 -7.90 3.24 -2.82
CA PRO A 16 -8.86 4.21 -3.39
C PRO A 16 -8.28 5.63 -3.65
N ASN A 17 -7.06 5.85 -3.18
CA ASN A 17 -6.22 7.05 -3.27
C ASN A 17 -4.77 6.59 -3.40
N ASN A 18 -3.84 7.47 -3.80
CA ASN A 18 -2.45 7.18 -4.17
C ASN A 18 -1.52 6.63 -3.07
N LEU A 19 -2.10 6.25 -1.94
CA LEU A 19 -1.47 5.59 -0.81
C LEU A 19 -0.75 4.31 -1.20
N CYS A 20 0.39 4.17 -0.55
CA CYS A 20 1.30 3.05 -0.63
C CYS A 20 0.73 1.88 0.19
N CYS A 21 0.46 0.75 -0.45
CA CYS A 21 0.13 -0.50 0.24
C CYS A 21 1.40 -1.12 0.86
N SER A 22 1.54 -1.09 2.20
CA SER A 22 2.78 -1.46 2.92
C SER A 22 3.18 -2.95 2.84
N GLN A 23 4.25 -3.32 3.57
CA GLN A 23 4.67 -4.72 3.82
C GLN A 23 3.54 -5.55 4.44
N TRP A 24 2.81 -4.94 5.36
CA TRP A 24 1.59 -5.50 5.99
C TRP A 24 0.33 -5.36 5.12
N GLY A 25 0.46 -4.73 3.95
CA GLY A 25 -0.57 -4.63 2.91
C GLY A 25 -1.51 -3.42 3.05
N PHE A 26 -1.37 -2.57 4.06
CA PHE A 26 -2.28 -1.45 4.33
C PHE A 26 -1.91 -0.17 3.56
N CYS A 27 -2.91 0.63 3.18
CA CYS A 27 -2.70 1.96 2.62
C CYS A 27 -2.14 2.95 3.65
N GLY A 28 -1.19 3.79 3.22
CA GLY A 28 -0.63 4.96 3.94
C GLY A 28 0.54 5.60 3.20
N LEU A 29 1.29 6.51 3.83
CA LEU A 29 2.38 7.28 3.19
C LEU A 29 3.61 7.49 4.06
N GLY A 30 4.72 7.78 3.38
CA GLY A 30 6.07 7.80 3.94
C GLY A 30 6.74 6.44 3.77
N SER A 31 8.03 6.37 4.04
CA SER A 31 8.85 5.20 3.72
C SER A 31 8.49 3.93 4.52
N GLU A 32 7.57 3.98 5.49
CA GLU A 32 7.09 2.75 6.18
C GLU A 32 5.98 2.03 5.40
N PHE A 33 5.33 2.75 4.48
CA PHE A 33 4.37 2.23 3.52
C PHE A 33 5.01 2.07 2.14
N CYS A 34 5.75 3.10 1.69
CA CYS A 34 6.29 3.16 0.33
C CYS A 34 7.64 2.44 0.15
N GLY A 35 8.41 2.25 1.23
CA GLY A 35 9.80 1.75 1.20
C GLY A 35 9.92 0.24 1.18
N GLY A 36 9.81 -0.35 -0.02
CA GLY A 36 9.95 -1.78 -0.27
C GLY A 36 8.72 -2.60 0.12
N GLY A 37 8.48 -3.71 -0.58
CA GLY A 37 7.25 -4.51 -0.47
C GLY A 37 5.95 -3.77 -0.87
N CYS A 38 6.07 -2.53 -1.33
CA CYS A 38 4.96 -1.64 -1.65
C CYS A 38 4.19 -2.13 -2.90
N GLN A 39 2.96 -2.61 -2.71
CA GLN A 39 2.14 -3.19 -3.78
C GLN A 39 1.86 -2.18 -4.92
N SER A 40 1.33 -1.02 -4.54
CA SER A 40 0.91 0.10 -5.38
C SER A 40 0.78 1.35 -4.53
N GLY A 41 0.59 2.49 -5.18
CA GLY A 41 0.67 3.83 -4.60
C GLY A 41 1.99 4.51 -4.96
N ALA A 42 2.34 5.57 -4.24
CA ALA A 42 3.53 6.41 -4.48
C ALA A 42 4.86 5.74 -4.03
N CYS A 43 5.02 4.45 -4.35
CA CYS A 43 6.06 3.56 -3.85
C CYS A 43 7.50 4.02 -4.16
N SER A 44 8.41 3.81 -3.21
CA SER A 44 9.87 4.04 -3.34
C SER A 44 10.60 3.05 -4.24
N THR A 45 9.87 2.09 -4.80
CA THR A 45 10.38 0.95 -5.60
C THR A 45 10.78 1.32 -7.02
N ALA A 1 -8.70 4.00 14.30
CA ALA A 1 -8.68 4.71 13.01
C ALA A 1 -8.97 3.75 11.86
N MET A 2 -9.09 4.27 10.64
CA MET A 2 -9.29 3.48 9.43
C MET A 2 -8.10 2.56 9.11
N ASP A 3 -8.37 1.42 8.48
CA ASP A 3 -7.42 0.32 8.24
C ASP A 3 -7.79 -0.45 6.95
N ILE A 4 -7.52 0.18 5.79
CA ILE A 4 -7.82 -0.37 4.46
C ILE A 4 -6.60 -1.12 3.90
N LYS A 5 -6.82 -2.34 3.38
CA LYS A 5 -5.77 -3.25 2.87
C LYS A 5 -5.94 -3.60 1.39
N CYS A 6 -4.81 -3.84 0.73
CA CYS A 6 -4.64 -3.95 -0.72
C CYS A 6 -3.45 -4.85 -1.11
N GLY A 7 -3.07 -4.87 -2.40
CA GLY A 7 -1.99 -5.73 -2.91
C GLY A 7 -2.32 -7.24 -2.89
N SER A 8 -1.31 -8.11 -2.90
CA SER A 8 -1.49 -9.57 -2.78
C SER A 8 -2.20 -9.99 -1.48
N GLN A 9 -2.04 -9.22 -0.40
CA GLN A 9 -2.79 -9.37 0.86
C GLN A 9 -4.30 -9.08 0.74
N ALA A 10 -4.78 -8.60 -0.42
CA ALA A 10 -6.19 -8.45 -0.75
C ALA A 10 -6.58 -9.08 -2.11
N GLY A 11 -5.66 -9.78 -2.79
CA GLY A 11 -5.89 -10.34 -4.13
C GLY A 11 -5.70 -9.36 -5.30
N GLY A 12 -4.73 -8.45 -5.22
CA GLY A 12 -4.27 -7.56 -6.32
C GLY A 12 -4.96 -6.19 -6.38
N LYS A 13 -5.52 -5.73 -5.26
CA LYS A 13 -6.32 -4.50 -5.16
C LYS A 13 -5.45 -3.24 -5.05
N LEU A 14 -6.01 -2.11 -5.45
CA LEU A 14 -5.45 -0.77 -5.27
C LEU A 14 -5.99 -0.06 -4.01
N CYS A 15 -5.37 1.05 -3.61
CA CYS A 15 -5.90 1.97 -2.60
C CYS A 15 -6.97 2.92 -3.18
N PRO A 16 -7.91 3.47 -2.38
CA PRO A 16 -8.92 4.45 -2.83
C PRO A 16 -8.40 5.88 -3.09
N ASN A 17 -7.11 6.06 -2.90
CA ASN A 17 -6.29 7.28 -2.96
C ASN A 17 -4.81 6.88 -3.23
N ASN A 18 -3.94 7.84 -3.59
CA ASN A 18 -2.52 7.72 -3.98
C ASN A 18 -1.59 6.95 -3.01
N LEU A 19 -2.10 6.54 -1.86
CA LEU A 19 -1.44 5.78 -0.81
C LEU A 19 -0.76 4.51 -1.29
N CYS A 20 0.38 4.28 -0.65
CA CYS A 20 1.26 3.14 -0.88
C CYS A 20 0.72 1.94 -0.08
N CYS A 21 0.46 0.85 -0.77
CA CYS A 21 0.12 -0.45 -0.19
C CYS A 21 1.35 -1.12 0.43
N SER A 22 1.47 -1.05 1.77
CA SER A 22 2.62 -1.49 2.57
C SER A 22 2.89 -3.00 2.54
N GLN A 23 4.02 -3.41 3.12
CA GLN A 23 4.38 -4.80 3.42
C GLN A 23 3.30 -5.48 4.27
N TRP A 24 2.71 -4.73 5.21
CA TRP A 24 1.59 -5.16 6.06
C TRP A 24 0.23 -5.19 5.36
N GLY A 25 0.21 -4.85 4.06
CA GLY A 25 -0.97 -4.81 3.19
C GLY A 25 -1.75 -3.49 3.21
N PHE A 26 -1.58 -2.64 4.22
CA PHE A 26 -2.38 -1.41 4.40
C PHE A 26 -1.95 -0.21 3.55
N CYS A 27 -2.91 0.66 3.22
CA CYS A 27 -2.68 1.98 2.62
C CYS A 27 -2.08 2.95 3.66
N GLY A 28 -1.11 3.75 3.22
CA GLY A 28 -0.51 4.88 3.95
C GLY A 28 0.66 5.51 3.18
N LEU A 29 1.47 6.34 3.85
CA LEU A 29 2.60 7.06 3.24
C LEU A 29 3.83 7.15 4.13
N GLY A 30 4.99 7.37 3.52
CA GLY A 30 6.30 7.42 4.14
C GLY A 30 7.05 6.09 4.06
N SER A 31 8.14 6.02 4.81
CA SER A 31 9.12 4.94 4.76
C SER A 31 8.56 3.58 5.19
N GLU A 32 7.36 3.55 5.77
CA GLU A 32 6.72 2.33 6.28
C GLU A 32 5.58 1.82 5.39
N PHE A 33 5.26 2.57 4.34
CA PHE A 33 4.24 2.21 3.34
C PHE A 33 4.82 2.15 1.92
N CYS A 34 5.57 3.16 1.47
CA CYS A 34 6.27 3.10 0.19
C CYS A 34 7.70 2.54 0.29
N GLY A 35 8.36 2.60 1.45
CA GLY A 35 9.79 2.28 1.63
C GLY A 35 10.12 0.81 1.86
N GLY A 36 9.71 -0.05 0.92
CA GLY A 36 9.93 -1.50 0.95
C GLY A 36 8.63 -2.28 0.71
N GLY A 37 8.65 -3.26 -0.19
CA GLY A 37 7.52 -4.14 -0.52
C GLY A 37 6.25 -3.46 -1.06
N CYS A 38 6.33 -2.20 -1.49
CA CYS A 38 5.19 -1.40 -1.95
C CYS A 38 4.46 -2.06 -3.14
N GLN A 39 3.25 -2.59 -2.91
CA GLN A 39 2.46 -3.31 -3.91
C GLN A 39 1.95 -2.42 -5.07
N SER A 40 1.33 -1.30 -4.70
CA SER A 40 0.57 -0.36 -5.53
C SER A 40 0.53 1.02 -4.85
N GLY A 41 0.23 2.08 -5.60
CA GLY A 41 0.26 3.47 -5.11
C GLY A 41 1.47 4.24 -5.62
N ALA A 42 2.07 5.10 -4.79
CA ALA A 42 3.18 5.98 -5.21
C ALA A 42 4.56 5.29 -5.28
N CYS A 43 4.60 3.97 -5.50
CA CYS A 43 5.80 3.12 -5.39
C CYS A 43 6.92 3.51 -6.37
N SER A 44 8.16 3.57 -5.87
CA SER A 44 9.36 3.92 -6.64
C SER A 44 10.27 2.72 -6.94
N THR A 45 10.10 1.62 -6.21
CA THR A 45 10.85 0.34 -6.35
C THR A 45 10.78 -0.24 -7.76
N ALA A 1 -8.56 7.39 7.28
CA ALA A 1 -7.98 6.05 7.40
C ALA A 1 -8.86 5.16 8.27
N MET A 2 -8.91 3.87 7.93
CA MET A 2 -9.77 2.87 8.56
C MET A 2 -9.18 1.44 8.49
N ASP A 3 -7.85 1.32 8.48
CA ASP A 3 -7.13 0.04 8.36
C ASP A 3 -7.46 -0.71 7.05
N ILE A 4 -7.46 0.02 5.94
CA ILE A 4 -7.63 -0.48 4.57
C ILE A 4 -6.32 -1.11 4.06
N LYS A 5 -6.41 -2.22 3.32
CA LYS A 5 -5.28 -2.87 2.63
C LYS A 5 -5.50 -3.04 1.12
N CYS A 6 -4.40 -3.19 0.39
CA CYS A 6 -4.32 -3.30 -1.07
C CYS A 6 -3.20 -4.25 -1.52
N GLY A 7 -3.18 -4.58 -2.82
CA GLY A 7 -2.29 -5.56 -3.43
C GLY A 7 -2.76 -7.01 -3.22
N SER A 8 -1.83 -7.96 -3.15
CA SER A 8 -2.11 -9.40 -2.97
C SER A 8 -2.99 -9.68 -1.73
N GLN A 9 -2.76 -8.95 -0.64
CA GLN A 9 -3.55 -8.99 0.59
C GLN A 9 -5.03 -8.62 0.41
N ALA A 10 -5.39 -7.90 -0.66
CA ALA A 10 -6.76 -7.55 -1.02
C ALA A 10 -7.32 -8.37 -2.20
N GLY A 11 -6.55 -9.34 -2.73
CA GLY A 11 -6.92 -10.05 -3.95
C GLY A 11 -6.60 -9.27 -5.23
N GLY A 12 -5.53 -8.46 -5.24
CA GLY A 12 -5.02 -7.75 -6.42
C GLY A 12 -5.65 -6.37 -6.66
N LYS A 13 -6.24 -5.75 -5.63
CA LYS A 13 -6.93 -4.46 -5.70
C LYS A 13 -6.02 -3.30 -5.26
N LEU A 14 -6.13 -2.15 -5.93
CA LEU A 14 -5.51 -0.90 -5.50
C LEU A 14 -6.26 -0.32 -4.27
N CYS A 15 -5.64 0.58 -3.51
CA CYS A 15 -6.36 1.38 -2.52
C CYS A 15 -7.22 2.45 -3.24
N PRO A 16 -8.25 3.08 -2.63
CA PRO A 16 -9.13 3.99 -3.37
C PRO A 16 -8.43 5.29 -3.80
N ASN A 17 -7.41 5.68 -3.04
CA ASN A 17 -6.42 6.73 -3.27
C ASN A 17 -5.03 6.15 -3.60
N ASN A 18 -4.11 7.00 -4.06
CA ASN A 18 -2.72 6.72 -4.49
C ASN A 18 -1.76 6.17 -3.41
N LEU A 19 -2.28 5.74 -2.26
CA LEU A 19 -1.52 5.25 -1.11
C LEU A 19 -0.74 3.99 -1.39
N CYS A 20 0.44 3.97 -0.79
CA CYS A 20 1.39 2.88 -0.83
C CYS A 20 0.91 1.74 0.07
N CYS A 21 0.74 0.56 -0.53
CA CYS A 21 0.46 -0.68 0.22
C CYS A 21 1.75 -1.19 0.91
N SER A 22 1.79 -1.23 2.25
CA SER A 22 2.91 -1.77 3.04
C SER A 22 3.20 -3.25 2.77
N GLN A 23 4.26 -3.79 3.40
CA GLN A 23 4.58 -5.22 3.44
C GLN A 23 3.40 -6.12 3.87
N TRP A 24 2.62 -5.62 4.83
CA TRP A 24 1.39 -6.24 5.37
C TRP A 24 0.12 -5.89 4.56
N GLY A 25 0.27 -5.10 3.51
CA GLY A 25 -0.77 -4.67 2.56
C GLY A 25 -1.44 -3.34 2.89
N PHE A 26 -1.27 -2.78 4.09
CA PHE A 26 -2.04 -1.62 4.55
C PHE A 26 -1.61 -0.30 3.91
N CYS A 27 -2.58 0.59 3.65
CA CYS A 27 -2.38 1.83 2.91
C CYS A 27 -1.86 2.98 3.78
N GLY A 28 -0.89 3.73 3.26
CA GLY A 28 -0.36 4.95 3.87
C GLY A 28 0.79 5.57 3.06
N LEU A 29 1.54 6.49 3.68
CA LEU A 29 2.64 7.23 3.05
C LEU A 29 3.87 7.41 3.95
N GLY A 30 5.00 7.63 3.28
CA GLY A 30 6.34 7.68 3.87
C GLY A 30 7.00 6.31 3.89
N SER A 31 8.21 6.25 4.43
CA SER A 31 9.07 5.07 4.45
C SER A 31 8.48 3.84 5.15
N GLU A 32 7.37 4.00 5.89
CA GLU A 32 6.71 2.89 6.58
C GLU A 32 5.76 2.13 5.63
N PHE A 33 5.22 2.80 4.61
CA PHE A 33 4.24 2.26 3.67
C PHE A 33 4.79 2.14 2.24
N CYS A 34 5.70 3.05 1.86
CA CYS A 34 6.33 3.11 0.54
C CYS A 34 7.83 2.69 0.55
N GLY A 35 8.40 2.31 1.70
CA GLY A 35 9.85 2.11 1.87
C GLY A 35 10.43 0.70 1.65
N GLY A 36 9.69 -0.16 0.95
CA GLY A 36 10.10 -1.51 0.56
C GLY A 36 8.97 -2.50 0.78
N GLY A 37 8.59 -3.22 -0.28
CA GLY A 37 7.39 -4.06 -0.32
C GLY A 37 6.18 -3.40 -1.01
N CYS A 38 6.30 -2.13 -1.42
CA CYS A 38 5.22 -1.30 -1.98
C CYS A 38 4.50 -1.97 -3.16
N GLN A 39 3.32 -2.56 -2.92
CA GLN A 39 2.57 -3.29 -3.95
C GLN A 39 2.11 -2.37 -5.09
N SER A 40 1.46 -1.27 -4.69
CA SER A 40 0.73 -0.31 -5.51
C SER A 40 0.67 1.03 -4.75
N GLY A 41 0.37 2.11 -5.46
CA GLY A 41 0.38 3.47 -4.92
C GLY A 41 1.56 4.31 -5.42
N ALA A 42 2.03 5.26 -4.62
CA ALA A 42 3.05 6.23 -5.00
C ALA A 42 4.49 5.70 -4.81
N CYS A 43 4.70 4.42 -5.13
CA CYS A 43 5.97 3.69 -5.04
C CYS A 43 7.10 4.30 -5.91
N SER A 44 8.35 3.89 -5.68
CA SER A 44 9.48 4.24 -6.55
C SER A 44 10.60 3.19 -6.58
N THR A 45 10.89 2.51 -5.46
CA THR A 45 12.05 1.62 -5.30
C THR A 45 11.70 0.31 -4.64
#